data_6JPN
#
_entry.id   6JPN
#
_cell.length_a   261.380
_cell.length_b   261.380
_cell.length_c   58.450
_cell.angle_alpha   90.000
_cell.angle_beta   90.000
_cell.angle_gamma   120.000
#
_symmetry.space_group_name_H-M   'P 3 2 1'
#
loop_
_entity.id
_entity.type
_entity.pdbx_description
1 polymer 'Alginate lyase'
2 branched 'beta-D-mannopyranuronic acid-(1-4)-beta-D-mannopyranuronic acid-(1-4)-beta-D-mannopyranuronic acid-(1-4)-beta-D-mannopyranuronic acid-(1-4)-beta-D-mannopyranuronic acid'
3 non-polymer 'MANGANESE (II) ION'
4 non-polymer 'CALCIUM ION'
5 non-polymer 'MAGNESIUM ION'
6 water water
#
_entity_poly.entity_id   1
_entity_poly.type   'polypeptide(L)'
_entity_poly.pdbx_seq_one_letter_code
;LANYETYDGFKVSEEPVLPEKEVHPSLWFTKSDIQKIKEKKNEDSFTAELWEEISNSPYLTMEIPTDIPSATDSDTDIHK
YYGNMSRIAKYNAFMYLMTGKSEYRLRATEALKRAFDGPIYEMDPTVSGSGVDEIYRAVWAQNFATAYDWIQPYLSDEDD
EIIRERLAKEAQVVYENLYTWGPRPHNALSKPAWGLGTLALTLSDHPDASKWLNRALEAANTNTLYFFNKDGHYREGAHY
YVYSLVNLIPFLYHYKNVSGVNYFPEYKNIFEWAVKIRNGRGWMPNVEDSWIKPAPTHMVASQYKDTDTDLHSTAKLANI
LQWSYFNTDFRPWEPDGSYTGASYDDTWDIDQYLTYDSTIEQIKPDVSGTVFMNNSGQTVFRSDWNFNNPNSRYLLFQGV
AEADNHYHYDHLSFIIHAENQMMASDSGYSRNSYGEGIRTSWYLTAEAHNVITANGEHPKDVSENTTPVSRYDMDTDFFD
FQEKEAVYDGFTFPEKNSYDFSGKQIRAIGFPRQDYFVVADQLFSDKEVQYDLYLHGGRGEMSGEGNYRLWTYEDDRYGQ
EAKMAAWVFPSKESIFIDKEGEVNYEAGAFNSYGYLNARQIAKDTMFMQIIVPLSKYADIPEVVDLSTDDVVGGTVVKDN
EKDTFMQQLNNAENSLGDITTDATFAYTNENSNNELQHFSVRQGTSLDYKGENIFVSNKPITFALDISDETQYKGTIAAL
NETVELRVKNPVGVPTESVVVNGENIEFSVEDGYTVIQVAEGGDININFGEG
;
_entity_poly.pdbx_strand_id   A
#
loop_
_chem_comp.id
_chem_comp.type
_chem_comp.name
_chem_comp.formula
BEM D-saccharide, beta linking 'beta-D-mannopyranuronic acid' 'C6 H10 O7'
CA non-polymer 'CALCIUM ION' 'Ca 2'
MG non-polymer 'MAGNESIUM ION' 'Mg 2'
MN non-polymer 'MANGANESE (II) ION' 'Mn 2'
#
# COMPACT_ATOMS: atom_id res chain seq x y z
N ALA A 2 -8.08 21.79 8.09
CA ALA A 2 -8.31 20.41 7.57
C ALA A 2 -9.58 19.79 8.18
N ASN A 3 -10.50 19.33 7.34
CA ASN A 3 -11.80 18.69 7.73
C ASN A 3 -11.56 17.18 7.93
N TYR A 4 -11.72 16.68 9.15
CA TYR A 4 -11.30 15.31 9.56
C TYR A 4 -12.47 14.30 9.53
N GLU A 5 -13.65 14.69 9.04
CA GLU A 5 -14.90 13.90 9.19
C GLU A 5 -15.53 13.57 7.84
N THR A 6 -14.92 13.94 6.71
CA THR A 6 -15.54 13.86 5.36
C THR A 6 -14.94 12.73 4.51
N TYR A 7 -13.81 12.13 4.91
CA TYR A 7 -13.17 11.00 4.19
C TYR A 7 -13.95 9.72 4.48
N ASP A 8 -14.02 8.83 3.50
CA ASP A 8 -14.78 7.56 3.57
C ASP A 8 -13.95 6.51 4.31
N GLY A 9 -13.71 6.72 5.61
CA GLY A 9 -13.06 5.78 6.52
C GLY A 9 -14.06 4.88 7.21
N PHE A 10 -13.69 4.30 8.35
CA PHE A 10 -14.51 3.36 9.17
C PHE A 10 -14.30 3.66 10.64
N LYS A 11 -15.26 3.28 11.48
CA LYS A 11 -15.22 3.42 12.96
C LYS A 11 -15.97 2.25 13.59
N VAL A 12 -15.61 1.88 14.82
CA VAL A 12 -16.21 0.76 15.59
C VAL A 12 -17.03 1.34 16.76
N SER A 13 -17.62 0.50 17.61
CA SER A 13 -18.42 0.94 18.79
C SER A 13 -17.52 1.62 19.81
N GLU A 14 -17.94 2.76 20.36
CA GLU A 14 -17.19 3.54 21.38
C GLU A 14 -17.68 3.17 22.78
N GLU A 15 -18.73 2.36 22.88
CA GLU A 15 -19.35 1.89 24.15
C GLU A 15 -18.35 1.01 24.90
N PRO A 16 -17.92 1.39 26.12
CA PRO A 16 -16.90 0.65 26.86
C PRO A 16 -17.47 -0.63 27.50
N VAL A 17 -16.98 -1.80 27.08
CA VAL A 17 -17.40 -3.13 27.62
C VAL A 17 -16.29 -3.63 28.54
N LEU A 18 -16.62 -3.92 29.80
CA LEU A 18 -15.66 -4.47 30.80
C LEU A 18 -16.27 -5.70 31.45
N PRO A 19 -15.44 -6.72 31.82
CA PRO A 19 -15.94 -7.91 32.50
C PRO A 19 -16.32 -7.60 33.96
N GLU A 20 -17.20 -8.42 34.55
CA GLU A 20 -17.68 -8.27 35.95
C GLU A 20 -16.51 -8.05 36.91
N LYS A 21 -15.40 -8.76 36.70
CA LYS A 21 -14.27 -8.85 37.66
C LYS A 21 -12.97 -9.05 36.89
N GLU A 22 -11.91 -8.33 37.28
CA GLU A 22 -10.53 -8.48 36.74
C GLU A 22 -10.10 -9.95 36.83
N VAL A 23 -9.45 -10.43 35.76
CA VAL A 23 -8.81 -11.78 35.69
C VAL A 23 -7.36 -11.54 35.27
N HIS A 24 -6.41 -12.16 35.96
CA HIS A 24 -4.96 -12.03 35.67
C HIS A 24 -4.31 -13.42 35.77
N PRO A 25 -3.66 -13.91 34.69
CA PRO A 25 -3.64 -13.24 33.39
C PRO A 25 -4.95 -13.39 32.57
N SER A 26 -5.18 -12.49 31.61
CA SER A 26 -6.29 -12.57 30.61
C SER A 26 -6.06 -11.71 29.35
N LEU A 27 -5.06 -10.82 29.31
CA LEU A 27 -4.84 -9.88 28.16
C LEU A 27 -4.60 -10.70 26.87
N TRP A 28 -3.59 -11.56 26.89
CA TRP A 28 -3.19 -12.44 25.77
C TRP A 28 -3.73 -13.86 25.99
N PHE A 29 -3.87 -14.30 27.24
CA PHE A 29 -4.20 -15.71 27.60
C PHE A 29 -4.51 -15.81 29.11
N THR A 30 -5.29 -16.83 29.51
CA THR A 30 -5.65 -17.14 30.92
C THR A 30 -4.66 -18.16 31.49
N LYS A 31 -4.79 -18.44 32.79
CA LYS A 31 -3.96 -19.40 33.57
C LYS A 31 -3.85 -20.74 32.82
N SER A 32 -4.97 -21.28 32.36
CA SER A 32 -5.09 -22.62 31.71
C SER A 32 -4.12 -22.74 30.52
N ASP A 33 -3.86 -21.64 29.80
CA ASP A 33 -3.14 -21.65 28.50
C ASP A 33 -1.63 -21.79 28.70
N ILE A 34 -1.10 -21.51 29.90
CA ILE A 34 0.34 -21.20 30.15
C ILE A 34 1.26 -22.36 29.72
N GLN A 35 0.87 -23.62 30.01
CA GLN A 35 1.74 -24.80 29.73
C GLN A 35 1.68 -25.09 28.22
N LYS A 36 0.57 -24.75 27.56
CA LYS A 36 0.45 -24.83 26.08
C LYS A 36 1.42 -23.83 25.44
N ILE A 37 1.48 -22.60 25.98
CA ILE A 37 2.34 -21.49 25.49
C ILE A 37 3.82 -21.85 25.71
N LYS A 38 4.16 -22.42 26.88
CA LYS A 38 5.53 -22.90 27.19
C LYS A 38 5.98 -23.90 26.12
N GLU A 39 5.08 -24.82 25.76
CA GLU A 39 5.31 -25.94 24.81
C GLU A 39 5.47 -25.38 23.38
N LYS A 40 4.78 -24.28 23.07
CA LYS A 40 4.66 -23.69 21.70
C LYS A 40 6.00 -23.64 20.97
N LYS A 41 7.11 -23.43 21.71
CA LYS A 41 8.49 -23.31 21.16
C LYS A 41 8.91 -24.55 20.36
N ASN A 42 8.16 -25.65 20.41
CA ASN A 42 8.52 -26.95 19.75
C ASN A 42 7.52 -27.26 18.63
N GLU A 43 6.77 -26.27 18.13
CA GLU A 43 5.77 -26.47 17.05
C GLU A 43 6.49 -26.53 15.70
N ASP A 44 7.34 -25.54 15.38
CA ASP A 44 8.14 -25.48 14.12
C ASP A 44 9.38 -24.60 14.32
N SER A 45 10.21 -24.48 13.28
CA SER A 45 11.50 -23.74 13.30
C SER A 45 11.29 -22.26 13.60
N PHE A 46 10.12 -21.69 13.28
CA PHE A 46 9.78 -20.27 13.54
C PHE A 46 9.62 -20.06 15.06
N THR A 47 8.72 -20.81 15.71
CA THR A 47 8.48 -20.76 17.19
C THR A 47 9.79 -21.01 17.95
N ALA A 48 10.65 -21.87 17.39
CA ALA A 48 12.00 -22.20 17.94
C ALA A 48 12.86 -20.94 17.97
N GLU A 49 13.07 -20.29 16.81
CA GLU A 49 13.83 -19.02 16.68
C GLU A 49 13.23 -17.98 17.63
N LEU A 50 11.91 -17.86 17.67
CA LEU A 50 11.20 -16.85 18.51
C LEU A 50 11.55 -17.10 19.98
N TRP A 51 11.63 -18.37 20.40
CA TRP A 51 12.00 -18.75 21.79
C TRP A 51 13.49 -18.46 22.04
N GLU A 52 14.35 -18.82 21.10
CA GLU A 52 15.82 -18.55 21.14
C GLU A 52 16.06 -17.05 21.40
N GLU A 53 15.26 -16.17 20.78
CA GLU A 53 15.38 -14.69 20.90
C GLU A 53 14.86 -14.21 22.26
N ILE A 54 13.64 -14.61 22.64
CA ILE A 54 12.96 -14.14 23.89
C ILE A 54 13.79 -14.54 25.12
N SER A 55 14.19 -15.82 25.18
CA SER A 55 14.84 -16.43 26.37
C SER A 55 16.31 -15.99 26.50
N ASN A 56 16.90 -15.38 25.47
CA ASN A 56 18.29 -14.84 25.50
C ASN A 56 18.28 -13.31 25.43
N SER A 57 17.16 -12.68 25.76
CA SER A 57 17.00 -11.21 25.73
C SER A 57 17.87 -10.59 26.82
N PRO A 58 18.71 -9.59 26.50
CA PRO A 58 19.55 -8.96 27.51
C PRO A 58 18.76 -8.28 28.63
N TYR A 59 17.43 -8.13 28.47
CA TYR A 59 16.53 -7.51 29.49
C TYR A 59 16.29 -8.49 30.65
N LEU A 60 16.70 -9.75 30.49
CA LEU A 60 16.63 -10.78 31.57
C LEU A 60 17.93 -10.72 32.41
N THR A 61 19.06 -10.34 31.82
CA THR A 61 20.40 -10.41 32.45
C THR A 61 21.04 -9.02 32.64
N MET A 62 20.47 -7.94 32.10
CA MET A 62 21.02 -6.57 32.31
C MET A 62 20.66 -6.10 33.72
N GLU A 63 21.50 -5.25 34.34
CA GLU A 63 21.25 -4.67 35.67
C GLU A 63 20.12 -3.63 35.56
N ILE A 64 19.08 -3.75 36.38
CA ILE A 64 18.01 -2.71 36.51
C ILE A 64 18.72 -1.42 36.90
N PRO A 65 18.62 -0.33 36.10
CA PRO A 65 19.45 0.86 36.30
C PRO A 65 19.02 1.67 37.53
N THR A 66 19.95 1.88 38.47
CA THR A 66 19.76 2.70 39.70
C THR A 66 20.03 4.17 39.38
N ASP A 67 20.32 4.49 38.12
CA ASP A 67 20.52 5.88 37.64
C ASP A 67 19.26 6.41 36.96
N ILE A 68 18.29 6.89 37.75
CA ILE A 68 17.09 7.66 37.28
C ILE A 68 17.62 8.92 36.59
N PRO A 69 17.32 9.16 35.30
CA PRO A 69 17.78 10.36 34.60
C PRO A 69 16.86 11.58 34.84
N SER A 70 17.44 12.76 35.05
CA SER A 70 16.72 14.04 35.37
C SER A 70 16.20 14.68 34.08
N ALA A 71 15.23 15.59 34.22
CA ALA A 71 14.48 16.26 33.13
C ALA A 71 15.43 16.84 32.06
N THR A 72 16.61 17.31 32.48
CA THR A 72 17.55 18.11 31.65
C THR A 72 18.57 17.20 30.91
N ASP A 73 18.46 15.87 31.04
CA ASP A 73 19.27 14.90 30.24
C ASP A 73 18.83 14.98 28.78
N SER A 74 19.50 14.23 27.88
CA SER A 74 19.22 14.21 26.42
C SER A 74 17.91 13.45 26.15
N ASP A 75 17.24 13.75 25.03
CA ASP A 75 15.87 13.21 24.70
C ASP A 75 15.97 11.71 24.39
N THR A 76 17.10 11.27 23.82
CA THR A 76 17.41 9.84 23.53
C THR A 76 17.45 9.05 24.85
N ASP A 77 18.30 9.44 25.78
CA ASP A 77 18.58 8.70 27.04
C ASP A 77 17.28 8.57 27.85
N ILE A 78 16.45 9.61 27.90
CA ILE A 78 15.14 9.60 28.62
C ILE A 78 14.22 8.56 27.96
N HIS A 79 14.17 8.53 26.62
CA HIS A 79 13.42 7.54 25.80
C HIS A 79 13.83 6.12 26.24
N LYS A 80 15.13 5.80 26.15
CA LYS A 80 15.69 4.45 26.39
C LYS A 80 15.50 4.00 27.85
N TYR A 81 15.58 4.91 28.83
CA TYR A 81 15.34 4.58 30.26
C TYR A 81 13.96 3.93 30.34
N TYR A 82 12.88 4.67 30.03
CA TYR A 82 11.48 4.21 30.12
C TYR A 82 11.23 3.02 29.19
N GLY A 83 11.89 3.01 28.01
CA GLY A 83 11.86 1.86 27.08
C GLY A 83 12.43 0.61 27.72
N ASN A 84 13.62 0.71 28.30
CA ASN A 84 14.32 -0.42 28.97
C ASN A 84 13.49 -0.89 30.17
N MET A 85 12.94 0.03 30.98
CA MET A 85 12.16 -0.33 32.20
C MET A 85 10.93 -1.13 31.78
N SER A 86 10.13 -0.58 30.85
CA SER A 86 8.93 -1.26 30.29
C SER A 86 9.33 -2.66 29.79
N ARG A 87 10.48 -2.78 29.11
CA ARG A 87 10.99 -4.04 28.51
C ARG A 87 11.40 -5.02 29.62
N ILE A 88 12.17 -4.54 30.60
CA ILE A 88 12.59 -5.34 31.79
C ILE A 88 11.35 -5.95 32.42
N ALA A 89 10.27 -5.18 32.59
CA ALA A 89 9.00 -5.64 33.21
C ALA A 89 8.41 -6.79 32.38
N LYS A 90 8.18 -6.58 31.08
CA LYS A 90 7.44 -7.55 30.22
C LYS A 90 8.27 -8.82 30.01
N TYR A 91 9.52 -8.69 29.56
CA TYR A 91 10.41 -9.85 29.28
C TYR A 91 10.51 -10.73 30.53
N ASN A 92 10.74 -10.13 31.70
CA ASN A 92 10.95 -10.89 32.96
C ASN A 92 9.61 -11.54 33.36
N ALA A 93 8.53 -10.76 33.41
CA ALA A 93 7.16 -11.24 33.77
C ALA A 93 6.80 -12.46 32.91
N PHE A 94 7.11 -12.44 31.61
CA PHE A 94 6.83 -13.56 30.67
C PHE A 94 7.66 -14.77 31.07
N MET A 95 8.97 -14.58 31.25
CA MET A 95 9.93 -15.69 31.51
C MET A 95 9.69 -16.31 32.89
N TYR A 96 9.10 -15.57 33.84
CA TYR A 96 8.63 -16.15 35.13
C TYR A 96 7.51 -17.17 34.85
N LEU A 97 6.52 -16.79 34.04
CA LEU A 97 5.39 -17.68 33.66
C LEU A 97 5.96 -18.93 32.97
N MET A 98 6.99 -18.76 32.15
CA MET A 98 7.50 -19.82 31.26
C MET A 98 8.47 -20.75 32.01
N THR A 99 9.27 -20.26 32.96
CA THR A 99 10.29 -21.08 33.67
C THR A 99 10.00 -21.18 35.18
N GLY A 100 9.35 -20.17 35.77
CA GLY A 100 9.06 -20.10 37.21
C GLY A 100 10.26 -19.62 38.02
N LYS A 101 11.38 -19.23 37.36
CA LYS A 101 12.61 -18.80 38.05
C LYS A 101 12.32 -17.58 38.94
N SER A 102 12.68 -17.70 40.22
CA SER A 102 12.50 -16.68 41.29
C SER A 102 12.94 -15.30 40.80
N GLU A 103 14.17 -15.21 40.29
CA GLU A 103 14.84 -13.95 39.86
C GLU A 103 13.86 -13.13 39.01
N TYR A 104 13.31 -13.76 37.96
CA TYR A 104 12.43 -13.12 36.95
C TYR A 104 11.25 -12.43 37.63
N ARG A 105 10.58 -13.06 38.60
CA ARG A 105 9.44 -12.45 39.34
C ARG A 105 9.94 -11.20 40.08
N LEU A 106 11.11 -11.27 40.70
CA LEU A 106 11.67 -10.16 41.53
C LEU A 106 11.97 -8.98 40.61
N ARG A 107 12.70 -9.21 39.51
CA ARG A 107 13.07 -8.17 38.51
C ARG A 107 11.80 -7.50 37.97
N ALA A 108 10.86 -8.29 37.44
CA ALA A 108 9.54 -7.84 36.94
C ALA A 108 8.86 -6.94 37.98
N THR A 109 8.88 -7.34 39.26
CA THR A 109 8.15 -6.64 40.36
C THR A 109 8.82 -5.28 40.60
N GLU A 110 10.15 -5.23 40.72
CA GLU A 110 10.90 -3.98 41.05
C GLU A 110 10.76 -2.99 39.89
N ALA A 111 10.84 -3.48 38.65
CA ALA A 111 10.70 -2.68 37.40
C ALA A 111 9.28 -2.09 37.32
N LEU A 112 8.26 -2.85 37.72
CA LEU A 112 6.85 -2.39 37.73
C LEU A 112 6.63 -1.37 38.85
N LYS A 113 7.43 -1.45 39.91
CA LYS A 113 7.33 -0.54 41.09
C LYS A 113 7.97 0.81 40.72
N ARG A 114 8.86 0.83 39.72
CA ARG A 114 9.56 2.05 39.22
C ARG A 114 9.06 2.39 37.81
N ALA A 115 7.82 2.04 37.50
CA ALA A 115 7.16 2.34 36.21
C ALA A 115 6.74 3.81 36.20
N PHE A 116 7.38 4.63 35.36
CA PHE A 116 7.07 6.07 35.20
C PHE A 116 7.59 6.86 36.42
N ASP A 117 8.64 6.34 37.08
CA ASP A 117 9.44 7.08 38.08
C ASP A 117 10.36 8.04 37.32
N GLY A 118 10.96 9.01 38.01
CA GLY A 118 11.84 10.02 37.40
C GLY A 118 11.03 11.17 36.79
N PRO A 119 11.57 11.86 35.76
CA PRO A 119 11.06 13.16 35.35
C PRO A 119 9.85 13.19 34.38
N ILE A 120 9.32 12.03 33.98
CA ILE A 120 8.31 11.92 32.89
C ILE A 120 7.22 12.99 33.08
N TYR A 121 6.58 13.06 34.26
CA TYR A 121 5.36 13.88 34.50
C TYR A 121 5.75 15.36 34.67
N GLU A 122 7.04 15.65 34.91
CA GLU A 122 7.60 17.03 34.93
C GLU A 122 7.60 17.58 33.50
N MET A 123 8.02 16.77 32.52
CA MET A 123 8.34 17.19 31.12
C MET A 123 7.06 17.40 30.31
N ASP A 124 7.22 17.92 29.08
CA ASP A 124 6.12 18.27 28.15
C ASP A 124 6.27 17.47 26.86
N PRO A 125 5.33 16.54 26.55
CA PRO A 125 5.35 15.76 25.31
C PRO A 125 4.90 16.47 24.01
N THR A 126 4.27 17.64 24.09
CA THR A 126 3.90 18.46 22.90
C THR A 126 5.20 18.98 22.27
N VAL A 127 6.20 19.31 23.09
CA VAL A 127 7.58 19.63 22.61
C VAL A 127 7.97 18.53 21.60
N SER A 128 8.62 18.91 20.50
CA SER A 128 8.95 18.01 19.37
C SER A 128 10.09 17.06 19.76
N GLY A 129 9.94 15.77 19.46
CA GLY A 129 10.94 14.71 19.67
C GLY A 129 11.14 14.34 21.15
N SER A 130 10.20 14.72 22.02
CA SER A 130 10.32 14.65 23.51
C SER A 130 10.64 13.21 23.91
N GLY A 131 11.52 13.04 24.90
CA GLY A 131 11.96 11.73 25.41
C GLY A 131 10.80 10.89 25.90
N VAL A 132 9.66 11.54 26.15
CA VAL A 132 8.40 10.91 26.64
C VAL A 132 7.22 11.32 25.74
N ASP A 133 7.43 11.39 24.41
CA ASP A 133 6.37 11.72 23.42
C ASP A 133 5.29 10.63 23.51
N GLU A 134 4.03 11.04 23.37
CA GLU A 134 2.79 10.19 23.40
C GLU A 134 3.03 8.85 22.68
N ILE A 135 3.77 8.84 21.56
CA ILE A 135 3.96 7.66 20.66
C ILE A 135 4.80 6.57 21.36
N TYR A 136 5.65 6.93 22.33
CA TYR A 136 6.59 6.00 23.02
C TYR A 136 5.94 5.41 24.28
N ARG A 137 5.19 6.22 25.03
CA ARG A 137 4.51 5.83 26.30
C ARG A 137 3.15 5.17 26.00
N ALA A 138 2.86 4.93 24.73
CA ALA A 138 1.81 3.99 24.28
C ALA A 138 2.38 2.57 24.38
N VAL A 139 3.59 2.35 23.84
CA VAL A 139 4.31 1.06 23.92
C VAL A 139 4.60 0.77 25.39
N TRP A 140 5.14 1.76 26.13
CA TRP A 140 5.55 1.57 27.54
C TRP A 140 4.33 1.10 28.34
N ALA A 141 3.21 1.83 28.23
CA ALA A 141 1.92 1.54 28.90
C ALA A 141 1.50 0.08 28.66
N GLN A 142 1.58 -0.39 27.41
CA GLN A 142 1.17 -1.76 27.01
C GLN A 142 2.19 -2.78 27.54
N ASN A 143 3.47 -2.42 27.59
CA ASN A 143 4.56 -3.29 28.11
C ASN A 143 4.40 -3.52 29.62
N PHE A 144 4.22 -2.44 30.38
CA PHE A 144 4.03 -2.50 31.86
C PHE A 144 2.70 -3.21 32.16
N ALA A 145 1.60 -2.78 31.55
CA ALA A 145 0.23 -3.34 31.78
C ALA A 145 0.22 -4.85 31.53
N THR A 146 0.89 -5.31 30.47
CA THR A 146 1.05 -6.73 30.11
C THR A 146 1.87 -7.41 31.22
N ALA A 147 3.03 -6.85 31.55
CA ALA A 147 3.92 -7.35 32.63
C ALA A 147 3.09 -7.54 33.91
N TYR A 148 2.28 -6.55 34.29
CA TYR A 148 1.40 -6.58 35.49
C TYR A 148 0.44 -7.75 35.37
N ASP A 149 -0.38 -7.75 34.32
CA ASP A 149 -1.38 -8.81 34.04
C ASP A 149 -0.75 -10.19 34.25
N TRP A 150 0.53 -10.35 33.90
CA TRP A 150 1.27 -11.66 33.93
C TRP A 150 1.75 -12.00 35.34
N ILE A 151 2.19 -11.01 36.13
CA ILE A 151 2.83 -11.21 37.47
C ILE A 151 1.84 -10.92 38.61
N GLN A 152 0.67 -10.34 38.32
CA GLN A 152 -0.32 -9.84 39.33
C GLN A 152 -0.64 -10.91 40.36
N PRO A 153 -0.95 -12.17 39.96
CA PRO A 153 -1.28 -13.23 40.91
C PRO A 153 -0.19 -13.44 41.97
N TYR A 154 1.08 -13.28 41.58
CA TYR A 154 2.29 -13.61 42.40
C TYR A 154 2.79 -12.36 43.17
N LEU A 155 1.96 -11.33 43.35
CA LEU A 155 2.34 -10.07 44.04
C LEU A 155 1.76 -10.09 45.45
N SER A 156 2.49 -9.56 46.44
CA SER A 156 1.98 -9.22 47.79
C SER A 156 0.86 -8.20 47.67
N ASP A 157 -0.12 -8.21 48.59
CA ASP A 157 -1.26 -7.26 48.62
C ASP A 157 -0.73 -5.81 48.63
N GLU A 158 0.48 -5.62 49.15
CA GLU A 158 1.13 -4.29 49.26
C GLU A 158 1.66 -3.86 47.88
N ASP A 159 2.42 -4.73 47.22
CA ASP A 159 3.03 -4.47 45.89
C ASP A 159 1.93 -4.32 44.82
N ASP A 160 0.87 -5.12 44.88
CA ASP A 160 -0.29 -5.02 43.96
C ASP A 160 -0.83 -3.58 44.02
N GLU A 161 -1.03 -3.04 45.22
CA GLU A 161 -1.68 -1.71 45.44
C GLU A 161 -0.74 -0.56 45.00
N ILE A 162 0.58 -0.73 45.16
CA ILE A 162 1.63 0.24 44.70
C ILE A 162 1.59 0.34 43.16
N ILE A 163 1.74 -0.81 42.49
CA ILE A 163 1.89 -0.92 41.02
C ILE A 163 0.58 -0.50 40.34
N ARG A 164 -0.57 -0.85 40.93
CA ARG A 164 -1.92 -0.44 40.45
C ARG A 164 -2.02 1.09 40.42
N GLU A 165 -1.48 1.78 41.43
CA GLU A 165 -1.54 3.25 41.60
C GLU A 165 -0.65 3.95 40.55
N ARG A 166 0.47 3.33 40.16
CA ARG A 166 1.39 3.86 39.11
C ARG A 166 0.74 3.77 37.72
N LEU A 167 0.25 2.58 37.35
CA LEU A 167 -0.45 2.34 36.05
C LEU A 167 -1.71 3.20 35.99
N ALA A 168 -2.41 3.36 37.12
CA ALA A 168 -3.69 4.13 37.23
C ALA A 168 -3.42 5.63 37.10
N LYS A 169 -2.21 6.09 37.47
CA LYS A 169 -1.80 7.50 37.32
C LYS A 169 -1.59 7.79 35.82
N GLU A 170 -0.59 7.14 35.21
CA GLU A 170 -0.27 7.23 33.76
C GLU A 170 -1.57 7.18 32.95
N ALA A 171 -2.50 6.29 33.30
CA ALA A 171 -3.82 6.12 32.65
C ALA A 171 -4.61 7.44 32.72
N GLN A 172 -4.65 8.08 33.90
CA GLN A 172 -5.38 9.36 34.13
C GLN A 172 -4.70 10.48 33.31
N VAL A 173 -3.37 10.58 33.40
CA VAL A 173 -2.53 11.56 32.65
C VAL A 173 -2.84 11.44 31.14
N VAL A 174 -2.79 10.22 30.59
CA VAL A 174 -3.03 9.93 29.15
C VAL A 174 -4.48 10.33 28.81
N TYR A 175 -5.46 9.95 29.64
CA TYR A 175 -6.89 10.30 29.48
C TYR A 175 -7.07 11.82 29.35
N GLU A 176 -6.40 12.59 30.21
CA GLU A 176 -6.55 14.08 30.33
C GLU A 176 -5.87 14.78 29.14
N ASN A 177 -4.72 14.27 28.69
CA ASN A 177 -3.80 14.97 27.76
C ASN A 177 -3.75 14.29 26.39
N LEU A 178 -4.63 13.31 26.12
CA LEU A 178 -4.63 12.52 24.87
C LEU A 178 -4.81 13.49 23.69
N TYR A 179 -5.85 14.32 23.75
CA TYR A 179 -6.26 15.27 22.68
C TYR A 179 -5.31 16.48 22.65
N THR A 180 -4.69 16.85 23.77
CA THR A 180 -3.67 17.94 23.81
C THR A 180 -2.40 17.46 23.12
N TRP A 181 -1.99 16.21 23.36
CA TRP A 181 -0.73 15.59 22.85
C TRP A 181 -0.83 15.31 21.35
N GLY A 182 -2.01 14.86 20.88
CA GLY A 182 -2.30 14.53 19.48
C GLY A 182 -3.49 15.32 18.96
N PRO A 183 -3.36 16.66 18.83
CA PRO A 183 -4.50 17.53 18.51
C PRO A 183 -5.12 17.27 17.15
N ARG A 184 -4.37 16.64 16.23
CA ARG A 184 -4.84 16.17 14.90
C ARG A 184 -4.83 14.64 14.89
N PRO A 185 -5.85 13.98 14.31
CA PRO A 185 -6.06 12.54 14.51
C PRO A 185 -5.11 11.59 13.76
N HIS A 186 -3.82 11.89 13.72
CA HIS A 186 -2.78 11.02 13.11
C HIS A 186 -2.36 9.94 14.13
N ASN A 187 -1.29 9.20 13.84
CA ASN A 187 -0.79 8.03 14.62
C ASN A 187 -0.34 8.46 16.03
N ALA A 188 -0.12 9.75 16.29
CA ALA A 188 0.24 10.29 17.63
C ALA A 188 -1.00 10.40 18.52
N LEU A 189 -2.20 10.26 17.95
CA LEU A 189 -3.44 10.16 18.73
C LEU A 189 -3.79 8.68 18.90
N SER A 190 -3.85 7.93 17.79
CA SER A 190 -4.33 6.52 17.73
C SER A 190 -3.44 5.62 18.62
N LYS A 191 -2.11 5.72 18.50
CA LYS A 191 -1.17 4.83 19.22
C LYS A 191 -1.39 4.92 20.74
N PRO A 192 -1.28 6.10 21.40
CA PRO A 192 -1.45 6.19 22.85
C PRO A 192 -2.89 5.91 23.32
N ALA A 193 -3.87 6.08 22.44
CA ALA A 193 -5.30 5.77 22.67
C ALA A 193 -5.46 4.27 22.91
N TRP A 194 -4.92 3.45 22.01
CA TRP A 194 -4.88 1.97 22.16
C TRP A 194 -4.02 1.60 23.38
N GLY A 195 -3.00 2.41 23.70
CA GLY A 195 -2.19 2.28 24.92
C GLY A 195 -3.06 2.39 26.16
N LEU A 196 -3.85 3.47 26.24
CA LEU A 196 -4.89 3.70 27.28
C LEU A 196 -5.86 2.52 27.31
N GLY A 197 -6.35 2.10 26.14
CA GLY A 197 -7.29 0.97 25.98
C GLY A 197 -6.80 -0.27 26.71
N THR A 198 -5.54 -0.64 26.50
CA THR A 198 -4.86 -1.78 27.18
C THR A 198 -4.88 -1.55 28.70
N LEU A 199 -4.44 -0.37 29.15
CA LEU A 199 -4.43 0.05 30.57
C LEU A 199 -5.84 -0.09 31.16
N ALA A 200 -6.86 0.44 30.49
CA ALA A 200 -8.27 0.41 30.95
C ALA A 200 -8.70 -1.05 31.15
N LEU A 201 -8.33 -1.93 30.21
CA LEU A 201 -8.73 -3.36 30.25
C LEU A 201 -7.93 -4.11 31.32
N THR A 202 -6.65 -3.78 31.51
CA THR A 202 -5.79 -4.36 32.56
C THR A 202 -6.36 -4.01 33.95
N LEU A 203 -6.81 -2.77 34.17
CA LEU A 203 -7.37 -2.30 35.47
C LEU A 203 -8.89 -2.14 35.33
N SER A 204 -9.58 -3.16 34.81
CA SER A 204 -11.03 -3.11 34.44
C SER A 204 -11.90 -2.76 35.67
N ASP A 205 -11.46 -3.08 36.90
CA ASP A 205 -12.25 -2.88 38.14
C ASP A 205 -12.18 -1.41 38.57
N HIS A 206 -11.01 -0.77 38.47
CA HIS A 206 -10.73 0.65 38.83
C HIS A 206 -11.86 1.56 38.35
N PRO A 207 -12.35 2.52 39.16
CA PRO A 207 -13.60 3.22 38.86
C PRO A 207 -13.63 4.02 37.55
N ASP A 208 -12.46 4.43 37.05
CA ASP A 208 -12.33 5.36 35.89
C ASP A 208 -12.25 4.58 34.56
N ALA A 209 -12.08 3.26 34.61
CA ALA A 209 -11.79 2.38 33.45
C ALA A 209 -12.83 2.56 32.33
N SER A 210 -14.12 2.64 32.67
CA SER A 210 -15.24 2.84 31.72
C SER A 210 -15.01 4.13 30.92
N LYS A 211 -14.63 5.21 31.60
CA LYS A 211 -14.34 6.54 31.00
C LYS A 211 -13.07 6.45 30.13
N TRP A 212 -11.99 5.85 30.68
CA TRP A 212 -10.69 5.61 29.99
C TRP A 212 -10.92 4.93 28.65
N LEU A 213 -11.58 3.77 28.68
CA LEU A 213 -11.79 2.91 27.48
C LEU A 213 -12.69 3.64 26.47
N ASN A 214 -13.63 4.45 26.95
CA ASN A 214 -14.59 5.17 26.08
C ASN A 214 -13.84 6.22 25.25
N ARG A 215 -12.93 6.96 25.88
CA ARG A 215 -12.08 7.97 25.18
C ARG A 215 -11.10 7.23 24.26
N ALA A 216 -10.45 6.18 24.76
CA ALA A 216 -9.50 5.34 23.99
C ALA A 216 -10.11 4.99 22.64
N LEU A 217 -11.37 4.53 22.63
CA LEU A 217 -12.08 4.06 21.41
C LEU A 217 -12.52 5.26 20.56
N GLU A 218 -12.89 6.36 21.21
CA GLU A 218 -13.32 7.64 20.55
C GLU A 218 -12.15 8.20 19.73
N ALA A 219 -11.02 8.42 20.39
CA ALA A 219 -9.78 8.99 19.81
C ALA A 219 -9.25 8.09 18.68
N ALA A 220 -9.26 6.77 18.88
CA ALA A 220 -8.85 5.79 17.86
C ALA A 220 -9.73 5.93 16.62
N ASN A 221 -11.01 6.25 16.80
CA ASN A 221 -12.01 6.28 15.70
C ASN A 221 -11.78 7.52 14.81
N THR A 222 -11.21 8.61 15.35
CA THR A 222 -10.89 9.83 14.56
C THR A 222 -9.76 9.48 13.57
N ASN A 223 -8.85 8.55 13.93
CA ASN A 223 -7.76 8.05 13.05
C ASN A 223 -8.36 7.20 11.92
N THR A 224 -9.22 6.24 12.25
CA THR A 224 -9.75 5.25 11.28
C THR A 224 -10.76 5.92 10.34
N LEU A 225 -11.30 7.08 10.71
CA LEU A 225 -12.36 7.80 9.96
C LEU A 225 -11.74 8.71 8.89
N TYR A 226 -10.50 9.16 9.11
CA TYR A 226 -9.78 10.17 8.29
C TYR A 226 -8.58 9.53 7.59
N PHE A 227 -7.64 8.96 8.34
CA PHE A 227 -6.36 8.45 7.78
C PHE A 227 -6.55 7.06 7.14
N PHE A 228 -7.56 6.30 7.57
CA PHE A 228 -7.90 4.99 6.96
C PHE A 228 -9.05 5.18 5.97
N ASN A 229 -9.05 4.37 4.92
CA ASN A 229 -10.21 4.15 4.01
C ASN A 229 -10.94 2.89 4.49
N LYS A 230 -12.23 2.78 4.18
CA LYS A 230 -13.03 1.54 4.35
C LYS A 230 -12.27 0.34 3.77
N ASP A 231 -11.60 0.52 2.62
CA ASP A 231 -10.98 -0.59 1.85
C ASP A 231 -9.58 -0.93 2.40
N GLY A 232 -9.15 -0.24 3.46
CA GLY A 232 -7.98 -0.65 4.27
C GLY A 232 -6.75 0.22 4.06
N HIS A 233 -6.74 1.04 2.99
CA HIS A 233 -5.65 2.01 2.71
C HIS A 233 -5.40 2.89 3.94
N TYR A 234 -4.13 3.05 4.31
CA TYR A 234 -3.64 4.07 5.29
C TYR A 234 -2.89 5.18 4.53
N ARG A 235 -3.27 6.43 4.81
CA ARG A 235 -2.85 7.63 4.04
C ARG A 235 -1.52 8.17 4.58
N GLU A 236 -1.11 7.77 5.79
CA GLU A 236 0.24 8.11 6.33
C GLU A 236 1.30 7.17 5.73
N GLY A 237 0.86 6.17 4.95
CA GLY A 237 1.74 5.24 4.21
C GLY A 237 2.16 4.05 5.05
N ALA A 238 2.77 3.07 4.38
CA ALA A 238 3.15 1.75 4.95
C ALA A 238 3.89 1.92 6.27
N HIS A 239 4.84 2.85 6.38
CA HIS A 239 5.72 2.94 7.57
C HIS A 239 4.91 3.25 8.82
N TYR A 240 4.01 4.24 8.74
CA TYR A 240 3.22 4.73 9.89
C TYR A 240 1.99 3.83 10.10
N TYR A 241 1.63 3.04 9.07
CA TYR A 241 0.66 1.93 9.17
C TYR A 241 1.20 0.89 10.16
N VAL A 242 2.42 0.41 9.92
CA VAL A 242 3.09 -0.57 10.81
C VAL A 242 3.30 0.04 12.20
N TYR A 243 3.82 1.27 12.29
CA TYR A 243 3.97 2.01 13.58
C TYR A 243 2.63 2.05 14.33
N SER A 244 1.53 2.20 13.60
CA SER A 244 0.16 2.16 14.17
C SER A 244 -0.14 0.74 14.67
N LEU A 245 0.31 -0.29 13.95
CA LEU A 245 0.02 -1.72 14.25
C LEU A 245 0.65 -2.13 15.59
N VAL A 246 1.81 -1.57 15.94
CA VAL A 246 2.57 -1.96 17.17
C VAL A 246 1.64 -1.87 18.37
N ASN A 247 0.76 -0.87 18.41
CA ASN A 247 -0.14 -0.59 19.55
C ASN A 247 -1.55 -1.12 19.26
N LEU A 248 -2.00 -1.09 18.00
CA LEU A 248 -3.36 -1.52 17.58
C LEU A 248 -3.51 -3.03 17.77
N ILE A 249 -2.64 -3.82 17.12
CA ILE A 249 -2.73 -5.31 17.07
C ILE A 249 -2.88 -5.82 18.50
N PRO A 250 -1.96 -5.48 19.45
CA PRO A 250 -2.15 -5.85 20.85
C PRO A 250 -3.54 -5.48 21.40
N PHE A 251 -3.97 -4.23 21.27
CA PHE A 251 -5.29 -3.79 21.80
C PHE A 251 -6.42 -4.66 21.23
N LEU A 252 -6.39 -4.91 19.91
CA LEU A 252 -7.46 -5.70 19.22
C LEU A 252 -7.69 -7.02 19.96
N TYR A 253 -6.58 -7.73 20.27
CA TYR A 253 -6.52 -9.00 21.02
C TYR A 253 -6.93 -8.77 22.48
N HIS A 254 -6.36 -7.75 23.13
CA HIS A 254 -6.66 -7.42 24.56
C HIS A 254 -8.18 -7.28 24.74
N TYR A 255 -8.87 -6.60 23.83
CA TYR A 255 -10.29 -6.20 24.02
C TYR A 255 -11.19 -7.41 23.73
N LYS A 256 -10.75 -8.31 22.85
CA LYS A 256 -11.43 -9.61 22.59
C LYS A 256 -11.29 -10.50 23.82
N ASN A 257 -10.05 -10.75 24.23
CA ASN A 257 -9.66 -11.72 25.27
C ASN A 257 -10.23 -11.30 26.64
N VAL A 258 -10.44 -10.00 26.88
CA VAL A 258 -10.80 -9.49 28.23
C VAL A 258 -12.31 -9.24 28.32
N SER A 259 -12.95 -8.73 27.25
CA SER A 259 -14.35 -8.25 27.30
C SER A 259 -15.25 -9.01 26.31
N GLY A 260 -14.68 -9.87 25.46
CA GLY A 260 -15.40 -10.52 24.35
C GLY A 260 -15.97 -9.48 23.40
N VAL A 261 -15.13 -8.54 22.96
CA VAL A 261 -15.45 -7.52 21.91
C VAL A 261 -14.46 -7.76 20.76
N ASN A 262 -14.92 -8.47 19.72
CA ASN A 262 -14.11 -8.92 18.56
C ASN A 262 -14.23 -7.89 17.44
N TYR A 263 -13.20 -7.06 17.26
CA TYR A 263 -13.16 -5.98 16.23
C TYR A 263 -12.48 -6.47 14.95
N PHE A 264 -11.85 -7.66 14.96
CA PHE A 264 -11.05 -8.21 13.84
C PHE A 264 -11.87 -8.23 12.54
N PRO A 265 -13.18 -8.54 12.55
CA PRO A 265 -14.01 -8.40 11.36
C PRO A 265 -14.01 -6.98 10.75
N GLU A 266 -14.11 -5.95 11.59
CA GLU A 266 -14.20 -4.52 11.16
C GLU A 266 -12.84 -4.04 10.63
N TYR A 267 -11.74 -4.41 11.30
CA TYR A 267 -10.35 -4.01 10.96
C TYR A 267 -9.80 -4.92 9.84
N LYS A 268 -10.64 -5.79 9.27
CA LYS A 268 -10.19 -6.89 8.37
C LYS A 268 -9.43 -6.31 7.18
N ASN A 269 -9.98 -5.27 6.56
CA ASN A 269 -9.52 -4.76 5.25
C ASN A 269 -8.13 -4.12 5.36
N ILE A 270 -7.74 -3.62 6.54
CA ILE A 270 -6.40 -2.96 6.73
C ILE A 270 -5.29 -4.00 6.56
N PHE A 271 -5.61 -5.29 6.72
CA PHE A 271 -4.63 -6.41 6.60
C PHE A 271 -4.67 -6.94 5.17
N GLU A 272 -5.85 -7.01 4.57
CA GLU A 272 -6.03 -7.45 3.16
C GLU A 272 -5.25 -6.48 2.25
N TRP A 273 -5.40 -5.17 2.52
CA TRP A 273 -4.75 -4.06 1.79
C TRP A 273 -3.27 -4.36 1.58
N ALA A 274 -2.53 -4.56 2.67
CA ALA A 274 -1.10 -4.92 2.66
C ALA A 274 -0.84 -5.93 1.53
N VAL A 275 -1.59 -7.04 1.51
CA VAL A 275 -1.34 -8.18 0.58
C VAL A 275 -1.60 -7.70 -0.85
N LYS A 276 -2.52 -6.74 -1.03
CA LYS A 276 -2.94 -6.30 -2.38
C LYS A 276 -1.89 -5.36 -2.99
N ILE A 277 -1.14 -4.60 -2.20
CA ILE A 277 -0.18 -3.59 -2.72
C ILE A 277 1.26 -4.10 -2.62
N ARG A 278 1.47 -5.30 -2.08
CA ARG A 278 2.82 -5.93 -1.94
C ARG A 278 3.46 -6.10 -3.32
N ASN A 279 4.77 -5.90 -3.43
CA ASN A 279 5.54 -6.14 -4.68
C ASN A 279 5.96 -7.62 -4.71
N GLY A 280 6.66 -8.02 -5.78
CA GLY A 280 7.23 -9.36 -6.01
C GLY A 280 7.88 -9.96 -4.78
N ARG A 281 8.40 -9.15 -3.84
CA ARG A 281 9.17 -9.61 -2.65
C ARG A 281 8.42 -9.27 -1.36
N GLY A 282 7.15 -8.90 -1.45
CA GLY A 282 6.25 -8.73 -0.29
C GLY A 282 6.53 -7.46 0.50
N TRP A 283 7.10 -6.44 -0.17
CA TRP A 283 7.33 -5.08 0.39
C TRP A 283 6.15 -4.18 0.01
N MET A 284 5.62 -3.47 1.00
CA MET A 284 4.70 -2.32 0.78
C MET A 284 5.54 -1.15 0.26
N PRO A 285 4.96 -0.29 -0.61
CA PRO A 285 5.73 0.72 -1.34
C PRO A 285 6.11 1.96 -0.50
N ASN A 286 7.13 2.68 -0.96
CA ASN A 286 7.74 3.86 -0.28
C ASN A 286 6.97 5.13 -0.67
N VAL A 287 5.66 5.13 -0.45
CA VAL A 287 4.70 6.18 -0.89
C VAL A 287 4.24 6.98 0.34
N GLU A 288 4.20 8.32 0.20
CA GLU A 288 4.03 9.30 1.31
C GLU A 288 5.27 9.21 2.20
N ASP A 289 5.24 9.73 3.43
CA ASP A 289 6.40 9.64 4.36
C ASP A 289 6.57 8.16 4.78
N SER A 290 7.23 7.36 3.95
CA SER A 290 7.31 5.88 4.11
C SER A 290 8.57 5.32 3.45
N TRP A 291 9.19 4.35 4.11
CA TRP A 291 10.23 3.45 3.56
C TRP A 291 9.52 2.24 2.93
N ILE A 292 10.26 1.30 2.36
CA ILE A 292 9.72 -0.05 2.04
C ILE A 292 9.48 -0.73 3.38
N LYS A 293 8.41 -1.53 3.49
CA LYS A 293 7.97 -2.16 4.75
C LYS A 293 7.36 -3.53 4.46
N PRO A 294 7.66 -4.54 5.29
CA PRO A 294 6.93 -5.81 5.27
C PRO A 294 5.67 -5.64 6.13
N ALA A 295 4.61 -6.39 5.84
CA ALA A 295 3.32 -6.33 6.56
C ALA A 295 3.23 -7.50 7.53
N PRO A 296 3.16 -7.27 8.86
CA PRO A 296 3.17 -8.35 9.84
C PRO A 296 1.82 -9.08 9.94
N THR A 297 1.29 -9.50 8.78
CA THR A 297 -0.06 -10.08 8.59
C THR A 297 -0.19 -11.41 9.34
N HIS A 298 0.93 -12.09 9.60
CA HIS A 298 0.99 -13.38 10.35
C HIS A 298 0.42 -13.20 11.76
N MET A 299 0.61 -12.03 12.37
CA MET A 299 0.28 -11.80 13.80
C MET A 299 -1.24 -11.66 14.00
N VAL A 300 -2.03 -11.65 12.92
CA VAL A 300 -3.53 -11.59 13.01
C VAL A 300 -4.18 -12.72 12.18
N ALA A 301 -3.40 -13.54 11.47
CA ALA A 301 -3.92 -14.58 10.55
C ALA A 301 -4.96 -15.46 11.24
N SER A 302 -4.69 -15.83 12.49
CA SER A 302 -5.50 -16.76 13.34
C SER A 302 -6.97 -16.32 13.41
N GLN A 303 -7.24 -15.02 13.30
CA GLN A 303 -8.59 -14.43 13.52
C GLN A 303 -9.42 -14.48 12.23
N TYR A 304 -8.83 -14.84 11.10
CA TYR A 304 -9.48 -14.76 9.76
C TYR A 304 -9.60 -16.15 9.14
N LYS A 305 -9.72 -17.18 9.99
CA LYS A 305 -9.83 -18.60 9.57
C LYS A 305 -11.20 -18.87 8.95
N ASP A 306 -12.19 -18.01 9.24
CA ASP A 306 -13.59 -18.11 8.76
C ASP A 306 -13.95 -16.90 7.91
N THR A 307 -12.96 -16.11 7.49
CA THR A 307 -13.13 -14.87 6.68
C THR A 307 -12.88 -15.18 5.21
N ASP A 308 -13.88 -14.96 4.35
CA ASP A 308 -13.74 -15.06 2.87
C ASP A 308 -12.82 -13.93 2.38
N THR A 309 -12.09 -14.16 1.28
CA THR A 309 -11.31 -13.13 0.56
C THR A 309 -11.55 -13.27 -0.94
N ASP A 310 -11.37 -12.15 -1.65
CA ASP A 310 -11.39 -12.07 -3.13
C ASP A 310 -10.04 -12.54 -3.69
N LEU A 311 -9.06 -12.79 -2.80
CA LEU A 311 -7.66 -13.11 -3.18
C LEU A 311 -7.53 -14.62 -3.44
N HIS A 312 -8.53 -15.42 -3.07
CA HIS A 312 -8.59 -16.88 -3.38
C HIS A 312 -10.04 -17.32 -3.65
N SER A 313 -10.18 -18.26 -4.58
CA SER A 313 -11.44 -18.92 -5.00
C SER A 313 -12.02 -19.71 -3.82
N THR A 314 -11.20 -20.57 -3.21
CA THR A 314 -11.62 -21.56 -2.18
C THR A 314 -11.08 -21.16 -0.79
N ALA A 315 -9.79 -20.86 -0.66
CA ALA A 315 -9.06 -20.65 0.64
C ALA A 315 -9.59 -19.44 1.41
N LYS A 316 -9.33 -19.42 2.71
CA LYS A 316 -9.76 -18.36 3.65
C LYS A 316 -8.62 -17.36 3.87
N LEU A 317 -8.93 -16.13 4.24
CA LEU A 317 -7.98 -14.99 4.34
C LEU A 317 -6.77 -15.41 5.17
N ALA A 318 -7.00 -16.08 6.30
CA ALA A 318 -5.97 -16.53 7.27
C ALA A 318 -4.78 -17.15 6.53
N ASN A 319 -5.08 -17.97 5.53
CA ASN A 319 -4.06 -18.72 4.74
C ASN A 319 -3.28 -17.75 3.85
N ILE A 320 -3.94 -16.74 3.28
CA ILE A 320 -3.27 -15.73 2.41
C ILE A 320 -2.41 -14.83 3.31
N LEU A 321 -2.97 -14.33 4.42
CA LEU A 321 -2.24 -13.46 5.38
C LEU A 321 -0.97 -14.17 5.84
N GLN A 322 -1.05 -15.48 6.11
CA GLN A 322 0.10 -16.32 6.56
C GLN A 322 1.10 -16.42 5.40
N TRP A 323 0.60 -16.65 4.18
CA TRP A 323 1.45 -16.76 2.95
C TRP A 323 2.24 -15.47 2.74
N SER A 324 1.56 -14.32 2.86
CA SER A 324 2.10 -12.98 2.53
C SER A 324 3.34 -12.68 3.37
N TYR A 325 3.24 -12.82 4.69
CA TYR A 325 4.35 -12.46 5.62
C TYR A 325 5.59 -13.27 5.29
N PHE A 326 5.44 -14.60 5.18
CA PHE A 326 6.57 -15.55 5.11
C PHE A 326 7.15 -15.53 3.69
N ASN A 327 6.35 -15.15 2.70
CA ASN A 327 6.82 -14.82 1.33
C ASN A 327 7.17 -13.32 1.27
N THR A 328 8.16 -12.92 2.05
CA THR A 328 8.69 -11.53 2.10
C THR A 328 10.21 -11.62 2.26
N ASP A 329 10.95 -11.00 1.36
CA ASP A 329 12.43 -10.86 1.50
C ASP A 329 12.68 -9.98 2.72
N PHE A 330 13.34 -10.50 3.77
CA PHE A 330 13.59 -9.75 5.03
C PHE A 330 15.06 -9.29 5.13
N ARG A 331 15.81 -9.38 4.03
CA ARG A 331 17.27 -9.06 4.02
C ARG A 331 17.49 -7.58 4.32
N PRO A 332 16.65 -6.65 3.81
CA PRO A 332 16.80 -5.23 4.15
C PRO A 332 16.70 -4.87 5.64
N TRP A 333 16.37 -5.83 6.52
CA TRP A 333 16.29 -5.64 7.99
C TRP A 333 17.23 -6.60 8.74
N GLU A 334 18.26 -7.15 8.08
CA GLU A 334 19.39 -7.88 8.73
C GLU A 334 20.41 -6.85 9.24
N PRO A 335 21.23 -7.14 10.27
CA PRO A 335 21.12 -8.35 11.11
C PRO A 335 20.21 -8.12 12.33
N ASP A 336 20.00 -6.85 12.69
CA ASP A 336 19.04 -6.31 13.69
C ASP A 336 17.72 -7.10 13.57
N GLY A 337 16.87 -6.79 12.57
CA GLY A 337 15.63 -7.54 12.29
C GLY A 337 14.38 -6.75 12.62
N SER A 338 14.49 -5.48 13.03
CA SER A 338 13.34 -4.65 13.48
C SER A 338 12.82 -3.80 12.32
N TYR A 339 11.50 -3.87 12.08
CA TYR A 339 10.79 -3.16 10.98
C TYR A 339 9.56 -2.42 11.54
N THR A 340 9.44 -2.31 12.87
CA THR A 340 8.25 -1.75 13.57
C THR A 340 8.32 -0.22 13.55
N GLY A 341 9.52 0.31 13.81
CA GLY A 341 9.78 1.75 14.01
C GLY A 341 9.89 2.10 15.49
N ALA A 342 9.90 1.08 16.36
CA ALA A 342 9.88 1.23 17.83
C ALA A 342 10.94 0.33 18.48
N SER A 343 12.12 0.18 17.87
CA SER A 343 13.17 -0.80 18.27
C SER A 343 13.82 -0.41 19.62
N TYR A 344 13.34 0.65 20.28
CA TYR A 344 13.76 1.04 21.66
C TYR A 344 12.73 0.59 22.68
N ASP A 345 11.52 0.22 22.24
CA ASP A 345 10.32 0.12 23.12
C ASP A 345 9.62 -1.25 22.98
N ASP A 346 9.51 -1.80 21.76
CA ASP A 346 8.63 -2.95 21.41
C ASP A 346 9.15 -4.23 22.07
N THR A 347 8.28 -5.25 22.16
CA THR A 347 8.63 -6.66 22.48
C THR A 347 8.05 -7.54 21.36
N TRP A 348 8.63 -7.43 20.16
CA TRP A 348 8.07 -7.99 18.91
C TRP A 348 8.27 -9.51 18.87
N ASP A 349 9.35 -10.01 19.47
CA ASP A 349 9.65 -11.47 19.56
C ASP A 349 8.53 -12.12 20.39
N ILE A 350 8.19 -11.53 21.54
CA ILE A 350 7.11 -12.04 22.46
C ILE A 350 5.77 -11.97 21.74
N ASP A 351 5.41 -10.78 21.24
CA ASP A 351 4.06 -10.52 20.66
C ASP A 351 3.86 -11.45 19.43
N GLN A 352 4.93 -11.78 18.71
CA GLN A 352 4.90 -12.74 17.55
C GLN A 352 4.68 -14.17 18.09
N TYR A 353 5.37 -14.54 19.17
CA TYR A 353 5.28 -15.86 19.85
C TYR A 353 3.83 -16.12 20.28
N LEU A 354 3.15 -15.12 20.85
CA LEU A 354 1.78 -15.22 21.42
C LEU A 354 0.70 -15.16 20.33
N THR A 355 1.02 -14.77 19.10
CA THR A 355 0.02 -14.49 18.04
C THR A 355 0.14 -15.50 16.89
N TYR A 356 1.37 -15.85 16.52
CA TYR A 356 1.68 -16.80 15.42
C TYR A 356 0.92 -18.10 15.64
N ASP A 357 0.34 -18.65 14.58
CA ASP A 357 -0.45 -19.90 14.61
C ASP A 357 0.18 -20.88 13.61
N SER A 358 0.93 -21.87 14.10
CA SER A 358 1.76 -22.80 13.29
C SER A 358 0.87 -23.77 12.49
N THR A 359 -0.44 -23.79 12.74
CA THR A 359 -1.40 -24.73 12.12
C THR A 359 -1.97 -24.14 10.82
N ILE A 360 -1.71 -22.86 10.50
CA ILE A 360 -2.28 -22.20 9.29
C ILE A 360 -1.35 -22.48 8.11
N GLU A 361 -1.91 -23.10 7.06
CA GLU A 361 -1.19 -23.44 5.81
C GLU A 361 -1.04 -22.16 4.97
N GLN A 362 0.20 -21.80 4.65
CA GLN A 362 0.53 -20.73 3.66
C GLN A 362 -0.07 -21.10 2.30
N ILE A 363 -1.07 -20.36 1.82
CA ILE A 363 -1.67 -20.57 0.47
C ILE A 363 -1.52 -19.28 -0.34
N LYS A 364 -0.87 -19.37 -1.50
CA LYS A 364 -0.69 -18.27 -2.47
C LYS A 364 -2.06 -17.92 -3.08
N PRO A 365 -2.40 -16.62 -3.26
CA PRO A 365 -3.59 -16.24 -4.01
C PRO A 365 -3.59 -16.89 -5.42
N ASP A 366 -4.78 -17.27 -5.91
CA ASP A 366 -4.93 -17.97 -7.22
C ASP A 366 -5.69 -17.08 -8.22
N VAL A 367 -6.13 -15.88 -7.80
CA VAL A 367 -6.91 -14.92 -8.65
C VAL A 367 -5.96 -14.06 -9.46
N SER A 368 -6.52 -13.28 -10.40
CA SER A 368 -5.80 -12.27 -11.21
C SER A 368 -5.06 -11.30 -10.29
N GLY A 369 -3.74 -11.19 -10.47
CA GLY A 369 -2.84 -10.30 -9.70
C GLY A 369 -3.33 -8.86 -9.68
N THR A 370 -3.92 -8.41 -10.80
CA THR A 370 -4.43 -7.03 -10.99
C THR A 370 -5.62 -6.79 -10.04
N VAL A 371 -5.58 -5.67 -9.29
CA VAL A 371 -6.57 -5.29 -8.24
C VAL A 371 -6.89 -3.80 -8.37
N PHE A 372 -8.18 -3.44 -8.31
CA PHE A 372 -8.67 -2.04 -8.48
C PHE A 372 -9.34 -1.58 -7.19
N MET A 373 -8.59 -0.92 -6.32
CA MET A 373 -9.10 -0.42 -5.01
C MET A 373 -9.46 1.06 -5.14
N ASN A 374 -10.50 1.31 -5.94
CA ASN A 374 -10.92 2.64 -6.43
C ASN A 374 -11.41 3.52 -5.27
N ASN A 375 -11.85 2.95 -4.16
CA ASN A 375 -12.42 3.74 -3.03
C ASN A 375 -11.30 4.60 -2.43
N SER A 376 -10.13 4.01 -2.14
CA SER A 376 -8.94 4.73 -1.63
C SER A 376 -8.31 5.52 -2.77
N GLY A 377 -8.14 4.83 -3.91
CA GLY A 377 -7.64 5.38 -5.18
C GLY A 377 -6.36 4.72 -5.67
N GLN A 378 -5.92 3.61 -5.05
CA GLN A 378 -4.78 2.78 -5.52
C GLN A 378 -5.29 1.69 -6.49
N THR A 379 -4.37 1.16 -7.28
CA THR A 379 -4.64 0.14 -8.32
C THR A 379 -3.30 -0.52 -8.66
N VAL A 380 -3.24 -1.86 -8.67
CA VAL A 380 -2.00 -2.62 -8.96
C VAL A 380 -2.21 -3.48 -10.21
N PHE A 381 -1.44 -3.22 -11.26
CA PHE A 381 -1.20 -4.15 -12.39
C PHE A 381 -0.16 -5.16 -11.91
N ARG A 382 -0.46 -6.46 -12.06
CA ARG A 382 0.36 -7.56 -11.47
C ARG A 382 0.18 -8.84 -12.29
N SER A 383 1.27 -9.34 -12.87
CA SER A 383 1.27 -10.52 -13.79
C SER A 383 0.92 -11.80 -13.02
N ASP A 384 1.39 -11.92 -11.77
CA ASP A 384 1.34 -13.18 -10.98
C ASP A 384 1.63 -12.84 -9.53
N TRP A 385 1.41 -13.79 -8.62
CA TRP A 385 1.65 -13.59 -7.16
C TRP A 385 2.96 -14.25 -6.71
N ASN A 386 3.79 -14.72 -7.66
CA ASN A 386 5.02 -15.48 -7.35
C ASN A 386 5.96 -14.59 -6.53
N PHE A 387 6.63 -15.19 -5.55
CA PHE A 387 7.63 -14.56 -4.66
C PHE A 387 9.03 -14.63 -5.30
N ASN A 388 9.72 -13.50 -5.31
CA ASN A 388 11.13 -13.39 -5.79
C ASN A 388 11.25 -14.07 -7.16
N ASN A 389 10.30 -13.81 -8.06
CA ASN A 389 10.34 -14.28 -9.47
C ASN A 389 10.67 -13.06 -10.34
N PRO A 390 11.68 -13.16 -11.24
CA PRO A 390 12.02 -12.06 -12.14
C PRO A 390 11.04 -11.88 -13.32
N ASN A 391 10.31 -12.93 -13.69
CA ASN A 391 9.28 -12.90 -14.77
C ASN A 391 8.04 -12.12 -14.32
N SER A 392 7.91 -11.86 -13.01
CA SER A 392 6.82 -11.05 -12.39
C SER A 392 6.89 -9.59 -12.86
N ARG A 393 5.74 -8.92 -12.99
CA ARG A 393 5.63 -7.46 -13.28
C ARG A 393 4.58 -6.83 -12.36
N TYR A 394 4.98 -5.80 -11.61
CA TYR A 394 4.14 -5.05 -10.64
C TYR A 394 4.24 -3.55 -10.93
N LEU A 395 3.10 -2.89 -11.13
CA LEU A 395 2.98 -1.41 -11.15
C LEU A 395 1.92 -0.99 -10.14
N LEU A 396 2.28 -0.14 -9.17
CA LEU A 396 1.32 0.57 -8.31
C LEU A 396 0.97 1.90 -8.98
N PHE A 397 -0.32 2.16 -9.17
CA PHE A 397 -0.91 3.36 -9.80
C PHE A 397 -1.58 4.18 -8.69
N GLN A 398 -0.90 5.25 -8.25
CA GLN A 398 -1.15 5.99 -6.99
C GLN A 398 -2.05 7.20 -7.27
N GLY A 399 -3.33 7.13 -6.90
CA GLY A 399 -4.30 8.23 -7.06
C GLY A 399 -5.19 8.39 -5.84
N VAL A 400 -4.58 8.76 -4.70
CA VAL A 400 -5.23 8.80 -3.35
C VAL A 400 -5.36 10.24 -2.87
N ALA A 401 -6.57 10.61 -2.40
CA ALA A 401 -6.91 11.95 -1.86
C ALA A 401 -5.94 12.32 -0.73
N GLU A 402 -5.38 13.53 -0.79
CA GLU A 402 -4.26 13.95 0.09
C GLU A 402 -4.80 14.06 1.51
N ALA A 403 -4.03 13.57 2.48
CA ALA A 403 -4.28 13.76 3.93
C ALA A 403 -3.38 14.90 4.42
N ASP A 404 -3.58 15.35 5.65
CA ASP A 404 -2.97 16.60 6.18
C ASP A 404 -1.69 16.31 6.96
N ASN A 405 -1.29 15.03 7.12
CA ASN A 405 -0.03 14.64 7.82
C ASN A 405 0.74 13.61 6.98
N HIS A 406 2.06 13.79 6.88
CA HIS A 406 3.01 12.86 6.20
C HIS A 406 2.66 12.73 4.72
N TYR A 407 2.14 13.79 4.09
CA TYR A 407 1.71 13.81 2.67
C TYR A 407 2.90 14.09 1.76
N HIS A 408 2.93 13.41 0.61
CA HIS A 408 3.79 13.68 -0.57
C HIS A 408 2.87 14.01 -1.74
N TYR A 409 3.28 14.88 -2.65
CA TYR A 409 2.54 15.24 -3.89
C TYR A 409 2.81 14.15 -4.93
N ASP A 410 1.85 13.24 -5.14
CA ASP A 410 2.12 11.95 -5.84
C ASP A 410 0.89 11.49 -6.63
N HIS A 411 0.01 12.42 -7.01
CA HIS A 411 -1.23 12.11 -7.77
C HIS A 411 -0.89 11.59 -9.17
N LEU A 412 -1.43 10.43 -9.51
CA LEU A 412 -1.28 9.75 -10.82
C LEU A 412 0.20 9.35 -11.01
N SER A 413 0.96 9.25 -9.92
CA SER A 413 2.32 8.65 -9.89
C SER A 413 2.18 7.13 -10.03
N PHE A 414 3.28 6.45 -10.37
CA PHE A 414 3.37 4.98 -10.40
C PHE A 414 4.78 4.55 -10.00
N ILE A 415 4.90 3.34 -9.43
CA ILE A 415 6.20 2.65 -9.22
C ILE A 415 6.10 1.26 -9.86
N ILE A 416 7.24 0.65 -10.16
CA ILE A 416 7.35 -0.62 -10.93
C ILE A 416 8.32 -1.54 -10.18
N HIS A 417 7.96 -2.82 -10.02
CA HIS A 417 8.85 -3.91 -9.52
C HIS A 417 8.83 -5.02 -10.56
N ALA A 418 10.01 -5.45 -11.01
CA ALA A 418 10.16 -6.39 -12.14
C ALA A 418 11.62 -6.82 -12.27
N GLU A 419 11.86 -8.04 -12.78
CA GLU A 419 13.19 -8.69 -12.83
C GLU A 419 13.81 -8.63 -11.42
N ASN A 420 12.98 -8.72 -10.38
CA ASN A 420 13.38 -8.79 -8.95
C ASN A 420 14.07 -7.50 -8.49
N GLN A 421 14.01 -6.43 -9.29
CA GLN A 421 14.54 -5.11 -8.89
C GLN A 421 13.40 -4.09 -8.78
N MET A 422 13.58 -3.09 -7.91
CA MET A 422 12.71 -1.90 -7.80
C MET A 422 13.14 -0.89 -8.86
N MET A 423 12.28 -0.66 -9.85
CA MET A 423 12.58 0.19 -11.02
C MET A 423 11.89 1.55 -10.85
N ALA A 424 11.11 2.03 -11.81
CA ALA A 424 10.43 3.35 -11.76
C ALA A 424 10.00 3.62 -10.31
N SER A 425 10.33 4.79 -9.76
CA SER A 425 10.46 5.01 -8.29
C SER A 425 9.58 6.16 -7.77
N ASP A 426 9.09 6.00 -6.55
CA ASP A 426 8.78 7.10 -5.60
C ASP A 426 10.11 7.41 -4.90
N SER A 427 10.51 8.67 -4.81
CA SER A 427 11.85 9.05 -4.29
C SER A 427 11.93 8.74 -2.78
N GLY A 428 10.79 8.45 -2.14
CA GLY A 428 10.75 7.90 -0.77
C GLY A 428 10.64 9.00 0.28
N TYR A 429 10.61 8.61 1.56
CA TYR A 429 10.27 9.46 2.74
C TYR A 429 11.19 10.68 2.80
N SER A 430 12.47 10.44 3.02
CA SER A 430 13.50 11.48 3.30
C SER A 430 14.88 10.84 3.30
N ARG A 431 15.91 11.57 3.72
CA ARG A 431 17.26 10.99 3.93
C ARG A 431 17.25 10.12 5.19
N ASN A 432 16.59 10.57 6.25
CA ASN A 432 16.69 9.98 7.62
C ASN A 432 15.41 10.21 8.43
N SER A 433 14.94 11.45 8.52
CA SER A 433 13.88 11.87 9.49
C SER A 433 12.93 12.89 8.88
N TYR A 434 11.87 13.22 9.64
CA TYR A 434 10.73 14.09 9.21
C TYR A 434 11.12 15.57 9.23
N GLY A 435 12.02 15.95 10.15
CA GLY A 435 12.38 17.36 10.44
C GLY A 435 13.48 17.89 9.54
N GLU A 436 13.94 17.11 8.55
CA GLU A 436 15.01 17.51 7.60
C GLU A 436 14.45 18.50 6.56
N GLY A 437 15.26 19.49 6.18
CA GLY A 437 14.89 20.47 5.15
C GLY A 437 14.66 19.77 3.83
N ILE A 438 15.57 18.85 3.49
CA ILE A 438 15.63 18.14 2.18
C ILE A 438 14.29 17.40 1.94
N ARG A 439 13.50 17.12 2.99
CA ARG A 439 12.18 16.47 2.86
C ARG A 439 11.16 17.44 2.24
N THR A 440 11.19 18.72 2.64
CA THR A 440 10.25 19.77 2.16
C THR A 440 10.75 20.35 0.83
N SER A 441 12.06 20.48 0.65
CA SER A 441 12.71 21.06 -0.56
C SER A 441 12.71 20.05 -1.72
N TRP A 442 12.70 18.74 -1.44
CA TRP A 442 12.79 17.68 -2.48
C TRP A 442 11.76 16.57 -2.26
N TYR A 443 11.97 15.74 -1.26
CA TYR A 443 11.37 14.40 -1.14
C TYR A 443 9.84 14.46 -1.29
N LEU A 444 9.15 15.41 -0.67
CA LEU A 444 7.65 15.44 -0.71
C LEU A 444 7.14 16.17 -1.95
N THR A 445 7.99 16.92 -2.65
CA THR A 445 7.61 17.80 -3.81
C THR A 445 7.16 16.93 -4.99
N ALA A 446 6.33 17.48 -5.87
CA ALA A 446 5.81 16.78 -7.06
C ALA A 446 6.96 16.26 -7.92
N GLU A 447 7.99 17.09 -8.12
CA GLU A 447 9.08 16.82 -9.10
C GLU A 447 9.84 15.55 -8.68
N ALA A 448 9.82 15.17 -7.40
CA ALA A 448 10.51 13.95 -6.90
C ALA A 448 9.69 12.69 -7.21
N HIS A 449 8.66 12.79 -8.06
CA HIS A 449 7.71 11.67 -8.36
C HIS A 449 7.48 11.56 -9.88
N ASN A 450 6.77 10.51 -10.30
CA ASN A 450 6.49 10.20 -11.73
C ASN A 450 5.16 10.83 -12.12
N VAL A 451 5.09 12.15 -12.14
CA VAL A 451 3.84 12.93 -12.39
C VAL A 451 4.03 13.82 -13.61
N ILE A 452 3.03 14.64 -13.91
CA ILE A 452 3.11 15.79 -14.87
C ILE A 452 2.62 17.05 -14.14
N THR A 453 3.50 18.05 -13.96
CA THR A 453 3.16 19.38 -13.40
C THR A 453 2.85 20.34 -14.53
N ALA A 454 1.78 21.13 -14.39
CA ALA A 454 1.45 22.28 -15.25
C ALA A 454 1.94 23.56 -14.56
N ASN A 455 2.87 24.28 -15.18
CA ASN A 455 3.53 25.48 -14.58
C ASN A 455 3.97 25.13 -13.15
N GLY A 456 4.53 23.92 -12.97
CA GLY A 456 5.09 23.47 -11.69
C GLY A 456 4.03 23.07 -10.66
N GLU A 457 2.74 23.36 -10.91
CA GLU A 457 1.61 22.97 -10.03
C GLU A 457 1.34 21.47 -10.19
N HIS A 458 1.15 20.76 -9.06
CA HIS A 458 1.01 19.29 -9.02
C HIS A 458 -0.44 18.89 -9.23
N PRO A 459 -0.69 17.73 -9.89
CA PRO A 459 -2.04 17.23 -10.05
C PRO A 459 -2.52 16.93 -8.63
N LYS A 460 -3.79 17.24 -8.36
CA LYS A 460 -4.37 17.28 -7.00
C LYS A 460 -5.87 16.95 -7.06
N ASP A 461 -6.50 16.88 -5.89
CA ASP A 461 -7.92 16.48 -5.72
C ASP A 461 -8.81 17.61 -6.25
N VAL A 462 -9.92 17.24 -6.88
CA VAL A 462 -11.05 18.17 -7.18
C VAL A 462 -11.43 18.88 -5.87
N SER A 463 -11.82 18.10 -4.86
CA SER A 463 -12.25 18.59 -3.52
C SER A 463 -11.62 17.73 -2.42
N GLU A 464 -11.46 18.32 -1.22
CA GLU A 464 -10.80 17.68 -0.03
C GLU A 464 -11.47 16.34 0.26
N ASN A 465 -10.65 15.30 0.46
CA ASN A 465 -11.06 13.94 0.92
C ASN A 465 -11.93 13.26 -0.14
N THR A 466 -11.86 13.69 -1.40
CA THR A 466 -12.60 13.06 -2.53
C THR A 466 -11.59 12.37 -3.46
N THR A 467 -11.69 11.04 -3.55
CA THR A 467 -10.72 10.19 -4.29
C THR A 467 -10.79 10.55 -5.77
N PRO A 468 -9.63 10.83 -6.43
CA PRO A 468 -9.59 11.01 -7.88
C PRO A 468 -10.40 9.91 -8.58
N VAL A 469 -11.25 10.33 -9.53
CA VAL A 469 -12.14 9.43 -10.32
C VAL A 469 -11.29 8.41 -11.08
N SER A 470 -11.80 7.18 -11.19
CA SER A 470 -11.23 6.09 -12.01
C SER A 470 -12.25 5.66 -13.06
N ARG A 471 -11.81 5.36 -14.28
CA ARG A 471 -12.67 4.87 -15.37
C ARG A 471 -11.98 3.74 -16.13
N TYR A 472 -12.77 2.94 -16.84
CA TYR A 472 -12.34 1.99 -17.90
C TYR A 472 -11.48 0.88 -17.30
N ASP A 473 -11.72 0.52 -16.03
CA ASP A 473 -11.14 -0.69 -15.39
C ASP A 473 -11.34 -1.87 -16.35
N MET A 474 -10.24 -2.51 -16.76
CA MET A 474 -10.25 -3.71 -17.63
C MET A 474 -9.11 -4.66 -17.17
N ASP A 475 -9.46 -5.88 -16.78
CA ASP A 475 -8.49 -6.96 -16.41
C ASP A 475 -8.64 -8.12 -17.38
N THR A 476 -7.53 -8.65 -17.93
CA THR A 476 -7.54 -9.82 -18.84
C THR A 476 -6.20 -10.56 -18.75
N ASP A 477 -6.07 -11.65 -19.51
CA ASP A 477 -4.87 -12.51 -19.63
C ASP A 477 -3.75 -11.75 -20.37
N PHE A 478 -4.12 -10.78 -21.21
CA PHE A 478 -3.26 -10.23 -22.30
C PHE A 478 -3.10 -8.71 -22.22
N PHE A 479 -4.01 -8.01 -21.53
CA PHE A 479 -3.99 -6.52 -21.44
C PHE A 479 -4.93 -6.02 -20.33
N ASP A 480 -4.35 -5.39 -19.30
CA ASP A 480 -5.11 -4.65 -18.25
C ASP A 480 -5.02 -3.15 -18.54
N PHE A 481 -5.87 -2.34 -17.89
CA PHE A 481 -6.09 -0.91 -18.22
C PHE A 481 -6.92 -0.23 -17.13
N GLN A 482 -6.62 1.04 -16.86
CA GLN A 482 -7.45 1.99 -16.06
C GLN A 482 -6.99 3.41 -16.40
N GLU A 483 -7.88 4.40 -16.32
CA GLU A 483 -7.53 5.85 -16.39
C GLU A 483 -7.94 6.49 -15.06
N LYS A 484 -7.17 7.49 -14.61
CA LYS A 484 -7.46 8.33 -13.42
C LYS A 484 -7.40 9.80 -13.82
N GLU A 485 -8.22 10.63 -13.19
CA GLU A 485 -8.38 12.09 -13.49
C GLU A 485 -8.09 12.86 -12.20
N ALA A 486 -7.07 13.73 -12.25
CA ALA A 486 -6.80 14.79 -11.25
C ALA A 486 -6.84 16.15 -11.95
N VAL A 487 -6.96 17.22 -11.17
CA VAL A 487 -7.02 18.63 -11.64
C VAL A 487 -5.82 19.37 -11.04
N TYR A 488 -5.42 20.48 -11.68
CA TYR A 488 -4.26 21.32 -11.27
C TYR A 488 -4.73 22.45 -10.36
N ASP A 489 -5.93 22.99 -10.63
CA ASP A 489 -6.52 24.16 -9.91
C ASP A 489 -7.56 23.66 -8.90
N GLY A 490 -7.13 22.84 -7.94
CA GLY A 490 -8.02 22.14 -6.98
C GLY A 490 -7.56 22.32 -5.54
N PHE A 491 -7.64 21.26 -4.75
CA PHE A 491 -7.40 21.27 -3.28
C PHE A 491 -6.13 20.48 -2.94
N THR A 492 -5.26 21.04 -2.09
CA THR A 492 -4.03 20.38 -1.58
C THR A 492 -3.65 20.96 -0.20
N PHE A 493 -2.46 20.62 0.29
CA PHE A 493 -1.88 21.07 1.59
C PHE A 493 -0.43 21.48 1.36
N PRO A 494 0.03 22.68 1.81
CA PRO A 494 -0.84 23.68 2.45
C PRO A 494 -1.83 24.30 1.45
N GLU A 495 -2.93 24.86 1.97
CA GLU A 495 -4.14 25.25 1.19
C GLU A 495 -3.82 26.46 0.32
N LYS A 496 -4.21 26.40 -0.96
CA LYS A 496 -3.83 27.35 -2.04
C LYS A 496 -5.06 27.61 -2.93
N ASN A 497 -5.71 28.76 -2.74
CA ASN A 497 -7.14 29.01 -3.15
C ASN A 497 -7.27 29.47 -4.60
N SER A 498 -6.27 30.16 -5.16
CA SER A 498 -6.33 30.77 -6.52
C SER A 498 -5.14 30.33 -7.39
N TYR A 499 -5.41 30.20 -8.69
CA TYR A 499 -4.46 29.77 -9.75
C TYR A 499 -4.63 30.70 -10.95
N ASP A 500 -3.60 30.83 -11.78
CA ASP A 500 -3.62 31.65 -13.03
C ASP A 500 -4.43 30.95 -14.12
N PHE A 501 -4.74 29.66 -13.94
CA PHE A 501 -5.35 28.80 -14.99
C PHE A 501 -6.21 27.70 -14.36
N SER A 502 -6.80 26.90 -15.22
CA SER A 502 -7.65 25.73 -14.89
C SER A 502 -7.30 24.60 -15.86
N GLY A 503 -6.88 23.45 -15.34
CA GLY A 503 -6.47 22.29 -16.15
C GLY A 503 -6.54 20.98 -15.38
N LYS A 504 -6.45 19.87 -16.12
CA LYS A 504 -6.58 18.50 -15.60
C LYS A 504 -5.67 17.55 -16.38
N GLN A 505 -5.30 16.43 -15.74
CA GLN A 505 -4.54 15.29 -16.31
C GLN A 505 -5.46 14.08 -16.33
N ILE A 506 -5.54 13.34 -17.43
CA ILE A 506 -6.26 12.04 -17.52
C ILE A 506 -5.25 10.96 -17.95
N ARG A 507 -4.53 10.42 -16.96
CA ARG A 507 -3.47 9.39 -17.12
C ARG A 507 -4.10 8.00 -17.24
N ALA A 508 -3.96 7.37 -18.41
CA ALA A 508 -4.29 5.95 -18.65
C ALA A 508 -3.01 5.13 -18.51
N ILE A 509 -3.09 4.02 -17.77
CA ILE A 509 -2.00 3.00 -17.73
C ILE A 509 -2.57 1.71 -18.31
N GLY A 510 -1.77 1.07 -19.18
CA GLY A 510 -2.07 -0.22 -19.82
C GLY A 510 -0.91 -1.18 -19.59
N PHE A 511 -1.22 -2.49 -19.60
CA PHE A 511 -0.30 -3.59 -19.22
C PHE A 511 -0.20 -4.56 -20.40
N PRO A 512 0.40 -4.17 -21.54
CA PRO A 512 0.48 -5.03 -22.72
C PRO A 512 1.23 -6.35 -22.47
N ARG A 513 0.59 -7.48 -22.79
CA ARG A 513 1.13 -8.85 -22.62
C ARG A 513 1.50 -9.11 -21.15
N GLN A 514 0.84 -8.43 -20.21
CA GLN A 514 1.24 -8.40 -18.78
C GLN A 514 2.77 -8.46 -18.64
N ASP A 515 3.51 -7.74 -19.51
CA ASP A 515 4.99 -7.85 -19.67
C ASP A 515 5.66 -6.47 -19.51
N TYR A 516 5.06 -5.41 -20.04
CA TYR A 516 5.59 -4.01 -19.97
C TYR A 516 4.40 -3.04 -19.91
N PHE A 517 4.68 -1.74 -19.82
CA PHE A 517 3.67 -0.70 -19.49
C PHE A 517 3.59 0.41 -20.54
N VAL A 518 2.40 0.96 -20.71
CA VAL A 518 2.15 2.22 -21.47
C VAL A 518 1.46 3.20 -20.51
N VAL A 519 1.95 4.44 -20.47
CA VAL A 519 1.36 5.55 -19.68
C VAL A 519 1.00 6.68 -20.64
N ALA A 520 -0.31 6.82 -20.92
CA ALA A 520 -0.90 7.69 -21.96
C ALA A 520 -1.73 8.80 -21.31
N ASP A 521 -1.14 9.98 -21.22
CA ASP A 521 -1.71 11.18 -20.54
C ASP A 521 -2.43 12.06 -21.57
N GLN A 522 -3.68 12.42 -21.29
CA GLN A 522 -4.41 13.55 -21.91
C GLN A 522 -4.27 14.74 -20.94
N LEU A 523 -3.95 15.92 -21.46
CA LEU A 523 -3.77 17.16 -20.66
C LEU A 523 -4.65 18.26 -21.26
N PHE A 524 -5.51 18.87 -20.44
CA PHE A 524 -6.44 19.94 -20.85
C PHE A 524 -6.22 21.13 -19.92
N SER A 525 -6.25 22.34 -20.50
CA SER A 525 -6.00 23.63 -19.81
C SER A 525 -6.78 24.73 -20.55
N ASP A 526 -7.14 25.81 -19.86
CA ASP A 526 -7.84 26.98 -20.48
C ASP A 526 -6.80 27.89 -21.15
N LYS A 527 -5.54 27.85 -20.71
CA LYS A 527 -4.41 28.67 -21.23
C LYS A 527 -3.29 27.76 -21.75
N GLU A 528 -2.34 28.35 -22.48
CA GLU A 528 -1.04 27.74 -22.80
C GLU A 528 -0.21 27.68 -21.49
N VAL A 529 0.34 26.51 -21.16
CA VAL A 529 1.14 26.29 -19.91
C VAL A 529 2.32 25.35 -20.21
N GLN A 530 3.21 25.20 -19.23
CA GLN A 530 4.43 24.34 -19.33
C GLN A 530 4.18 23.03 -18.57
N TYR A 531 3.82 21.99 -19.32
CA TYR A 531 3.70 20.58 -18.83
C TYR A 531 5.12 20.01 -18.66
N ASP A 532 5.44 19.57 -17.45
CA ASP A 532 6.70 18.84 -17.11
C ASP A 532 6.37 17.40 -16.71
N LEU A 533 6.67 16.46 -17.59
CA LEU A 533 6.64 15.01 -17.28
C LEU A 533 7.97 14.64 -16.63
N TYR A 534 7.93 14.00 -15.47
CA TYR A 534 9.10 13.38 -14.80
C TYR A 534 8.96 11.85 -14.83
N LEU A 535 10.11 11.17 -14.88
CA LEU A 535 10.25 9.69 -14.84
C LEU A 535 11.55 9.35 -14.10
N HIS A 536 11.44 8.99 -12.82
CA HIS A 536 12.55 8.50 -11.96
C HIS A 536 12.70 7.00 -12.18
N GLY A 537 13.94 6.53 -12.40
CA GLY A 537 14.22 5.11 -12.68
C GLY A 537 14.76 4.41 -11.46
N GLY A 538 14.32 4.81 -10.26
CA GLY A 538 14.90 4.35 -8.99
C GLY A 538 16.41 4.49 -9.01
N ARG A 539 17.12 3.48 -8.52
CA ARG A 539 18.57 3.54 -8.22
C ARG A 539 19.35 2.90 -9.37
N GLY A 540 19.27 3.49 -10.56
CA GLY A 540 19.92 2.98 -11.78
C GLY A 540 20.83 4.01 -12.42
N GLU A 541 21.92 3.55 -13.04
CA GLU A 541 22.75 4.34 -13.97
C GLU A 541 21.85 4.75 -15.14
N MET A 542 21.49 6.03 -15.25
CA MET A 542 20.73 6.57 -16.41
C MET A 542 21.71 6.71 -17.59
N SER A 543 21.25 6.36 -18.80
CA SER A 543 21.97 6.59 -20.08
C SER A 543 20.94 6.88 -21.17
N GLY A 544 21.40 7.20 -22.38
CA GLY A 544 20.55 7.38 -23.58
C GLY A 544 20.27 8.83 -23.88
N GLU A 545 19.98 9.14 -25.15
CA GLU A 545 19.78 10.51 -25.69
C GLU A 545 18.37 10.62 -26.28
N GLY A 546 17.95 11.84 -26.64
CA GLY A 546 16.65 12.07 -27.31
C GLY A 546 15.50 11.64 -26.43
N ASN A 547 14.57 10.83 -26.98
CA ASN A 547 13.30 10.41 -26.31
C ASN A 547 13.51 9.11 -25.52
N TYR A 548 14.69 8.48 -25.61
CA TYR A 548 15.01 7.15 -25.02
C TYR A 548 15.91 7.33 -23.79
N ARG A 549 15.56 6.70 -22.67
CA ARG A 549 16.45 6.58 -21.49
C ARG A 549 16.47 5.12 -21.02
N LEU A 550 17.63 4.69 -20.52
CA LEU A 550 17.88 3.32 -19.98
C LEU A 550 18.54 3.45 -18.61
N TRP A 551 17.85 3.00 -17.57
CA TRP A 551 18.37 2.85 -16.19
C TRP A 551 18.89 1.42 -16.03
N THR A 552 20.20 1.25 -15.77
CA THR A 552 20.86 -0.04 -15.49
C THR A 552 21.04 -0.17 -13.97
N TYR A 553 20.51 -1.24 -13.36
CA TYR A 553 20.64 -1.54 -11.91
C TYR A 553 21.66 -2.67 -11.72
N GLU A 554 22.22 -2.77 -10.51
CA GLU A 554 23.19 -3.81 -10.09
C GLU A 554 22.62 -4.56 -8.87
N ASP A 555 23.16 -5.76 -8.58
CA ASP A 555 22.82 -6.54 -7.37
C ASP A 555 22.98 -5.60 -6.18
N ASP A 556 21.89 -4.97 -5.73
CA ASP A 556 21.90 -4.04 -4.56
C ASP A 556 21.10 -4.68 -3.41
N ARG A 557 20.92 -3.94 -2.32
CA ARG A 557 20.17 -4.37 -1.11
C ARG A 557 18.67 -4.51 -1.39
N TYR A 558 18.19 -4.29 -2.62
CA TYR A 558 16.73 -4.19 -2.93
C TYR A 558 16.34 -5.12 -4.10
N GLY A 559 17.31 -5.58 -4.91
CA GLY A 559 17.02 -6.48 -6.04
C GLY A 559 18.28 -7.02 -6.71
N GLN A 560 18.13 -7.45 -7.96
CA GLN A 560 19.21 -8.04 -8.79
C GLN A 560 19.61 -7.07 -9.90
N GLU A 561 20.76 -7.31 -10.52
CA GLU A 561 21.14 -6.79 -11.86
C GLU A 561 19.89 -6.84 -12.74
N ALA A 562 19.54 -5.71 -13.37
CA ALA A 562 18.47 -5.63 -14.39
C ALA A 562 18.55 -4.25 -15.04
N LYS A 563 17.57 -3.90 -15.88
CA LYS A 563 17.47 -2.55 -16.50
C LYS A 563 16.02 -2.24 -16.87
N MET A 564 15.68 -0.95 -16.88
CA MET A 564 14.38 -0.42 -17.38
C MET A 564 14.67 0.49 -18.57
N ALA A 565 14.06 0.18 -19.72
CA ALA A 565 14.07 1.03 -20.92
C ALA A 565 12.76 1.82 -20.97
N ALA A 566 12.85 3.08 -21.38
CA ALA A 566 11.71 4.04 -21.44
C ALA A 566 11.85 4.89 -22.70
N TRP A 567 10.79 4.97 -23.49
CA TRP A 567 10.63 5.94 -24.61
C TRP A 567 9.51 6.91 -24.26
N VAL A 568 9.65 8.18 -24.62
CA VAL A 568 8.62 9.24 -24.42
C VAL A 568 8.18 9.77 -25.78
N PHE A 569 6.86 9.90 -25.98
CA PHE A 569 6.21 10.52 -27.15
C PHE A 569 5.41 11.73 -26.69
N PRO A 570 5.21 12.79 -27.51
CA PRO A 570 5.81 12.90 -28.84
C PRO A 570 7.27 13.39 -28.85
N SER A 571 8.09 12.82 -29.75
CA SER A 571 9.57 13.04 -29.83
C SER A 571 9.87 14.48 -30.25
N LYS A 572 9.07 15.02 -31.16
CA LYS A 572 9.37 16.29 -31.89
C LYS A 572 8.88 17.48 -31.05
N GLU A 573 7.64 17.49 -30.58
CA GLU A 573 7.02 18.65 -29.87
C GLU A 573 7.60 18.81 -28.45
N SER A 574 8.29 17.79 -27.92
CA SER A 574 8.79 17.74 -26.51
C SER A 574 10.29 17.98 -26.47
N ILE A 575 10.81 18.50 -25.35
CA ILE A 575 12.28 18.56 -25.09
C ILE A 575 12.58 17.71 -23.84
N PHE A 576 13.76 17.08 -23.82
CA PHE A 576 14.19 16.08 -22.81
C PHE A 576 15.40 16.63 -22.04
N ILE A 577 15.28 16.69 -20.73
CA ILE A 577 16.24 17.37 -19.81
C ILE A 577 16.73 16.32 -18.79
N ASP A 578 17.98 15.89 -18.90
CA ASP A 578 18.60 15.00 -17.88
C ASP A 578 18.75 15.81 -16.60
N LYS A 579 18.29 15.26 -15.48
CA LYS A 579 18.39 15.88 -14.14
C LYS A 579 18.82 14.79 -13.16
N GLU A 580 19.06 15.15 -11.90
CA GLU A 580 19.68 14.27 -10.90
C GLU A 580 19.03 14.57 -9.55
N GLY A 581 18.45 13.56 -8.91
CA GLY A 581 17.70 13.71 -7.66
C GLY A 581 17.89 12.52 -6.75
N GLU A 582 17.53 12.68 -5.47
CA GLU A 582 17.71 11.64 -4.43
C GLU A 582 16.59 10.61 -4.53
N VAL A 583 16.94 9.35 -4.27
CA VAL A 583 16.00 8.18 -4.20
C VAL A 583 16.37 7.38 -2.95
N ASN A 584 15.45 7.29 -1.98
CA ASN A 584 15.72 6.60 -0.69
C ASN A 584 14.59 5.61 -0.39
N TYR A 585 14.94 4.34 -0.16
CA TYR A 585 13.99 3.24 0.14
C TYR A 585 13.98 2.92 1.65
N GLU A 586 15.00 3.36 2.41
CA GLU A 586 15.12 3.14 3.88
C GLU A 586 16.00 4.23 4.50
N ALA A 587 15.86 4.47 5.80
CA ALA A 587 16.61 5.51 6.55
C ALA A 587 18.12 5.40 6.25
N GLY A 588 18.77 6.53 5.95
CA GLY A 588 20.24 6.66 5.89
C GLY A 588 20.83 6.18 4.57
N ALA A 589 20.02 5.59 3.68
CA ALA A 589 20.48 4.90 2.45
C ALA A 589 20.08 5.69 1.20
N PHE A 590 20.22 7.01 1.25
CA PHE A 590 19.87 7.95 0.15
C PHE A 590 21.05 8.01 -0.82
N ASN A 591 20.79 8.42 -2.07
CA ASN A 591 21.77 8.56 -3.17
C ASN A 591 21.12 9.32 -4.34
N SER A 592 21.94 9.94 -5.20
CA SER A 592 21.47 10.71 -6.38
C SER A 592 21.49 9.80 -7.62
N TYR A 593 20.45 9.92 -8.45
CA TYR A 593 20.30 9.12 -9.69
C TYR A 593 19.62 9.98 -10.77
N GLY A 594 19.99 9.74 -12.02
CA GLY A 594 19.30 10.29 -13.20
C GLY A 594 17.80 10.19 -13.06
N TYR A 595 17.10 11.21 -13.57
CA TYR A 595 15.63 11.19 -13.83
C TYR A 595 15.33 12.14 -14.99
N LEU A 596 14.40 11.76 -15.85
CA LEU A 596 14.11 12.47 -17.13
C LEU A 596 13.02 13.51 -16.89
N ASN A 597 13.22 14.72 -17.40
CA ASN A 597 12.22 15.82 -17.48
C ASN A 597 11.91 16.03 -18.97
N ALA A 598 10.81 15.44 -19.46
CA ALA A 598 10.19 15.78 -20.75
C ALA A 598 9.32 17.02 -20.52
N ARG A 599 9.28 17.93 -21.49
CA ARG A 599 8.58 19.24 -21.37
C ARG A 599 7.94 19.61 -22.71
N GLN A 600 6.69 20.07 -22.65
CA GLN A 600 5.94 20.70 -23.76
C GLN A 600 5.44 22.04 -23.23
N ILE A 601 5.24 23.01 -24.13
CA ILE A 601 4.42 24.22 -23.86
C ILE A 601 3.27 24.19 -24.86
N ALA A 602 2.06 24.14 -24.33
CA ALA A 602 0.82 23.87 -25.10
C ALA A 602 -0.38 24.06 -24.17
N LYS A 603 -1.59 24.02 -24.75
CA LYS A 603 -2.87 24.23 -24.04
C LYS A 603 -3.47 22.85 -23.72
N ASP A 604 -4.04 22.22 -24.75
CA ASP A 604 -4.48 20.81 -24.76
C ASP A 604 -3.39 20.04 -25.50
N THR A 605 -2.81 19.00 -24.88
CA THR A 605 -1.78 18.12 -25.48
C THR A 605 -1.75 16.74 -24.80
N MET A 606 -0.80 15.90 -25.21
CA MET A 606 -0.64 14.50 -24.74
C MET A 606 0.83 14.20 -24.49
N PHE A 607 1.09 13.23 -23.62
CA PHE A 607 2.36 12.46 -23.51
C PHE A 607 2.01 10.97 -23.58
N MET A 608 3.01 10.15 -23.93
CA MET A 608 2.95 8.68 -23.79
C MET A 608 4.33 8.19 -23.39
N GLN A 609 4.44 7.49 -22.26
CA GLN A 609 5.65 6.73 -21.87
C GLN A 609 5.43 5.25 -22.23
N ILE A 610 6.42 4.64 -22.91
CA ILE A 610 6.56 3.18 -23.10
C ILE A 610 7.69 2.74 -22.18
N ILE A 611 7.38 1.96 -21.14
CA ILE A 611 8.36 1.54 -20.10
C ILE A 611 8.43 0.01 -20.10
N VAL A 612 9.64 -0.54 -20.21
CA VAL A 612 9.91 -1.98 -20.45
C VAL A 612 10.97 -2.48 -19.46
N PRO A 613 10.59 -3.23 -18.40
CA PRO A 613 11.56 -3.93 -17.56
C PRO A 613 12.28 -4.96 -18.44
N LEU A 614 13.59 -5.13 -18.24
CA LEU A 614 14.43 -6.09 -18.98
C LEU A 614 15.45 -6.71 -18.03
N SER A 615 15.82 -7.97 -18.27
CA SER A 615 16.94 -8.65 -17.55
C SER A 615 18.27 -8.13 -18.10
N LYS A 616 19.28 -8.03 -17.25
CA LYS A 616 20.63 -7.46 -17.52
C LYS A 616 20.94 -7.43 -19.03
N TYR A 617 20.97 -8.57 -19.73
CA TYR A 617 21.50 -8.71 -21.12
C TYR A 617 20.40 -9.00 -22.14
N ALA A 618 19.20 -8.44 -21.94
CA ALA A 618 18.06 -8.59 -22.87
C ALA A 618 18.22 -7.59 -24.03
N ASP A 619 17.71 -7.96 -25.21
CA ASP A 619 17.68 -7.06 -26.39
C ASP A 619 16.75 -5.88 -26.08
N ILE A 620 17.17 -4.66 -26.42
CA ILE A 620 16.34 -3.44 -26.26
C ILE A 620 15.28 -3.44 -27.36
N PRO A 621 13.98 -3.43 -27.03
CA PRO A 621 12.94 -3.37 -28.06
C PRO A 621 13.09 -2.22 -29.07
N GLU A 622 12.66 -2.45 -30.31
CA GLU A 622 12.64 -1.42 -31.39
C GLU A 622 11.35 -0.61 -31.26
N VAL A 623 11.47 0.61 -30.74
CA VAL A 623 10.32 1.52 -30.46
C VAL A 623 10.40 2.71 -31.43
N VAL A 624 9.42 2.83 -32.31
CA VAL A 624 9.33 3.93 -33.33
C VAL A 624 8.21 4.89 -32.92
N ASP A 625 8.52 6.18 -32.74
CA ASP A 625 7.50 7.24 -32.58
C ASP A 625 6.81 7.44 -33.93
N LEU A 626 5.48 7.46 -33.95
CA LEU A 626 4.67 7.76 -35.16
C LEU A 626 3.69 8.87 -34.83
N SER A 627 3.96 9.64 -33.77
CA SER A 627 3.12 10.78 -33.34
C SER A 627 3.05 11.80 -34.49
N THR A 628 1.92 12.49 -34.62
CA THR A 628 1.72 13.62 -35.58
C THR A 628 0.92 14.72 -34.88
N ASP A 629 0.05 15.42 -35.59
CA ASP A 629 -0.62 16.65 -35.12
C ASP A 629 -1.66 16.29 -34.06
N ASP A 630 -2.57 15.37 -34.38
CA ASP A 630 -3.75 15.04 -33.55
C ASP A 630 -3.52 13.73 -32.76
N VAL A 631 -2.45 13.00 -33.08
CA VAL A 631 -2.29 11.57 -32.66
C VAL A 631 -0.88 11.36 -32.11
N VAL A 632 -0.79 10.95 -30.85
CA VAL A 632 0.47 10.52 -30.17
C VAL A 632 0.43 9.00 -30.00
N GLY A 633 1.55 8.32 -30.26
CA GLY A 633 1.67 6.86 -30.17
C GLY A 633 2.84 6.34 -30.98
N GLY A 634 3.02 5.01 -31.01
CA GLY A 634 4.14 4.37 -31.74
C GLY A 634 3.99 2.86 -31.82
N THR A 635 5.05 2.19 -32.25
CA THR A 635 5.15 0.71 -32.36
C THR A 635 6.31 0.21 -31.50
N VAL A 636 6.08 -0.91 -30.81
CA VAL A 636 7.11 -1.68 -30.05
C VAL A 636 7.23 -3.05 -30.72
N VAL A 637 8.46 -3.44 -31.07
CA VAL A 637 8.84 -4.80 -31.57
C VAL A 637 9.68 -5.45 -30.46
N LYS A 638 9.03 -6.27 -29.64
CA LYS A 638 9.67 -7.03 -28.52
C LYS A 638 9.31 -8.51 -28.69
N ASP A 639 10.31 -9.39 -28.56
CA ASP A 639 10.18 -10.86 -28.68
C ASP A 639 9.38 -11.21 -29.95
N ASN A 640 9.72 -10.59 -31.08
CA ASN A 640 9.21 -10.90 -32.45
C ASN A 640 7.71 -10.66 -32.59
N GLU A 641 7.11 -9.78 -31.76
CA GLU A 641 5.70 -9.36 -31.87
C GLU A 641 5.64 -7.82 -31.98
N LYS A 642 4.78 -7.28 -32.84
CA LYS A 642 4.66 -5.81 -33.04
C LYS A 642 3.39 -5.27 -32.36
N ASP A 643 3.57 -4.65 -31.20
CA ASP A 643 2.51 -3.89 -30.49
C ASP A 643 2.46 -2.47 -31.07
N THR A 644 1.25 -1.91 -31.20
CA THR A 644 0.99 -0.54 -31.67
C THR A 644 0.15 0.19 -30.63
N PHE A 645 0.52 1.42 -30.26
CA PHE A 645 -0.23 2.29 -29.32
C PHE A 645 -0.66 3.56 -30.04
N MET A 646 -1.79 4.11 -29.63
CA MET A 646 -2.36 5.35 -30.23
C MET A 646 -3.22 6.06 -29.18
N GLN A 647 -2.98 7.35 -28.97
CA GLN A 647 -3.83 8.24 -28.14
C GLN A 647 -4.25 9.43 -29.01
N GLN A 648 -5.39 10.03 -28.71
CA GLN A 648 -5.83 11.36 -29.22
C GLN A 648 -6.76 11.99 -28.19
N LEU A 649 -7.18 13.23 -28.40
CA LEU A 649 -7.97 14.02 -27.42
C LEU A 649 -9.47 14.00 -27.76
N ASN A 650 -9.84 13.51 -28.95
CA ASN A 650 -11.24 13.58 -29.47
C ASN A 650 -11.63 12.27 -30.14
N ASN A 651 -12.94 11.99 -30.17
CA ASN A 651 -13.55 10.87 -30.94
C ASN A 651 -13.61 11.31 -32.42
N ALA A 652 -12.46 11.24 -33.10
CA ALA A 652 -12.28 11.69 -34.50
C ALA A 652 -11.46 10.64 -35.25
N GLU A 653 -12.02 10.07 -36.32
CA GLU A 653 -11.36 8.98 -37.10
C GLU A 653 -9.95 9.45 -37.46
N ASN A 654 -8.94 8.67 -37.09
CA ASN A 654 -7.51 8.98 -37.36
C ASN A 654 -6.74 7.67 -37.47
N SER A 655 -5.50 7.73 -37.92
CA SER A 655 -4.64 6.54 -38.13
C SER A 655 -3.28 6.74 -37.44
N LEU A 656 -2.56 5.62 -37.28
CA LEU A 656 -1.18 5.52 -36.75
C LEU A 656 -0.78 4.07 -36.98
N GLY A 657 0.47 3.81 -37.37
CA GLY A 657 0.94 2.46 -37.72
C GLY A 657 -0.07 1.77 -38.62
N ASP A 658 -0.61 0.63 -38.19
CA ASP A 658 -1.64 -0.13 -38.95
C ASP A 658 -3.04 0.14 -38.38
N ILE A 659 -3.14 0.86 -37.25
CA ILE A 659 -4.45 1.17 -36.60
C ILE A 659 -5.15 2.26 -37.41
N THR A 660 -6.48 2.22 -37.42
CA THR A 660 -7.40 3.31 -37.83
C THR A 660 -8.63 3.23 -36.92
N THR A 661 -8.90 4.27 -36.13
CA THR A 661 -9.94 4.21 -35.06
C THR A 661 -10.39 5.62 -34.69
N ASP A 662 -11.55 5.74 -34.04
CA ASP A 662 -12.05 7.02 -33.45
C ASP A 662 -11.91 6.94 -31.93
N ALA A 663 -11.15 5.97 -31.43
CA ALA A 663 -10.91 5.75 -29.99
C ALA A 663 -9.88 6.75 -29.50
N THR A 664 -10.06 7.28 -28.28
CA THR A 664 -9.10 8.18 -27.57
C THR A 664 -7.85 7.38 -27.20
N PHE A 665 -7.94 6.06 -27.06
CA PHE A 665 -6.77 5.15 -26.89
C PHE A 665 -7.03 3.82 -27.60
N ALA A 666 -5.98 3.21 -28.15
CA ALA A 666 -6.03 1.94 -28.89
C ALA A 666 -4.71 1.18 -28.74
N TYR A 667 -4.82 -0.14 -28.55
CA TYR A 667 -3.69 -1.09 -28.37
C TYR A 667 -3.89 -2.26 -29.34
N THR A 668 -2.80 -2.75 -29.93
CA THR A 668 -2.78 -3.95 -30.81
C THR A 668 -1.54 -4.81 -30.53
N ASN A 669 -1.71 -6.13 -30.60
CA ASN A 669 -0.64 -7.15 -30.55
C ASN A 669 -0.70 -7.99 -31.83
N GLU A 670 0.41 -8.09 -32.56
CA GLU A 670 0.62 -9.08 -33.66
C GLU A 670 1.41 -10.26 -33.10
N ASN A 671 1.36 -11.40 -33.80
CA ASN A 671 2.23 -12.59 -33.53
C ASN A 671 3.42 -12.54 -34.48
N SER A 672 4.24 -13.60 -34.50
CA SER A 672 5.40 -13.79 -35.43
C SER A 672 5.00 -13.55 -36.89
N ASN A 673 3.76 -13.89 -37.25
CA ASN A 673 3.29 -13.97 -38.65
C ASN A 673 2.61 -12.65 -39.07
N ASN A 674 2.55 -11.65 -38.20
CA ASN A 674 2.03 -10.28 -38.50
C ASN A 674 0.51 -10.34 -38.71
N GLU A 675 -0.19 -11.11 -37.88
CA GLU A 675 -1.68 -11.19 -37.79
C GLU A 675 -2.11 -10.61 -36.43
N LEU A 676 -3.14 -9.76 -36.43
CA LEU A 676 -3.73 -9.19 -35.19
C LEU A 676 -4.19 -10.34 -34.29
N GLN A 677 -3.79 -10.32 -33.01
CA GLN A 677 -4.06 -11.37 -32.00
C GLN A 677 -4.87 -10.79 -30.84
N HIS A 678 -4.44 -9.64 -30.30
CA HIS A 678 -5.10 -8.91 -29.18
C HIS A 678 -5.28 -7.44 -29.58
N PHE A 679 -6.36 -6.80 -29.12
CA PHE A 679 -6.58 -5.33 -29.27
C PHE A 679 -7.44 -4.83 -28.12
N SER A 680 -7.27 -3.56 -27.74
CA SER A 680 -8.14 -2.84 -26.78
C SER A 680 -8.41 -1.42 -27.30
N VAL A 681 -9.55 -0.82 -26.95
CA VAL A 681 -9.89 0.57 -27.33
C VAL A 681 -10.60 1.26 -26.16
N ARG A 682 -10.33 2.56 -25.98
CA ARG A 682 -11.06 3.47 -25.06
C ARG A 682 -12.10 4.24 -25.89
N GLN A 683 -13.38 4.09 -25.57
CA GLN A 683 -14.51 4.88 -26.17
C GLN A 683 -14.34 4.98 -27.70
N GLY A 684 -14.18 3.83 -28.37
CA GLY A 684 -14.17 3.71 -29.84
C GLY A 684 -15.54 3.29 -30.36
N THR A 685 -15.80 3.52 -31.65
CA THR A 685 -16.98 2.99 -32.41
C THR A 685 -16.50 2.30 -33.70
N SER A 686 -15.20 2.14 -33.87
CA SER A 686 -14.62 1.31 -34.95
C SER A 686 -13.11 1.17 -34.74
N LEU A 687 -12.54 0.10 -35.31
CA LEU A 687 -11.08 -0.13 -35.38
C LEU A 687 -10.79 -0.97 -36.63
N ASP A 688 -9.97 -0.45 -37.55
CA ASP A 688 -9.43 -1.21 -38.70
C ASP A 688 -7.96 -1.50 -38.40
N TYR A 689 -7.49 -2.70 -38.76
CA TYR A 689 -6.05 -3.09 -38.71
C TYR A 689 -5.61 -3.54 -40.10
N LYS A 690 -4.55 -2.91 -40.62
CA LYS A 690 -4.13 -2.98 -42.05
C LYS A 690 -5.36 -2.75 -42.93
N GLY A 691 -6.22 -1.79 -42.55
CA GLY A 691 -7.41 -1.37 -43.30
C GLY A 691 -8.50 -2.43 -43.34
N GLU A 692 -8.42 -3.48 -42.52
CA GLU A 692 -9.46 -4.52 -42.35
C GLU A 692 -10.25 -4.22 -41.06
N ASN A 693 -11.55 -3.89 -41.18
CA ASN A 693 -12.42 -3.61 -40.01
C ASN A 693 -12.40 -4.81 -39.07
N ILE A 694 -12.33 -4.55 -37.76
CA ILE A 694 -12.25 -5.57 -36.67
C ILE A 694 -13.54 -5.52 -35.85
N PHE A 695 -14.12 -4.33 -35.68
CA PHE A 695 -15.41 -4.14 -34.97
C PHE A 695 -15.98 -2.77 -35.33
N VAL A 696 -17.28 -2.59 -35.10
CA VAL A 696 -17.95 -1.25 -35.09
C VAL A 696 -19.01 -1.30 -33.99
N SER A 697 -19.51 -0.15 -33.56
CA SER A 697 -20.61 -0.05 -32.56
C SER A 697 -21.42 1.22 -32.82
N ASN A 698 -22.70 1.20 -32.43
CA ASN A 698 -23.63 2.33 -32.60
C ASN A 698 -23.32 3.41 -31.54
N LYS A 699 -22.50 3.10 -30.52
CA LYS A 699 -22.07 4.08 -29.48
C LYS A 699 -20.64 3.78 -29.02
N PRO A 700 -19.97 4.73 -28.32
CA PRO A 700 -18.59 4.52 -27.90
C PRO A 700 -18.53 3.43 -26.82
N ILE A 701 -17.65 2.44 -27.02
CA ILE A 701 -17.45 1.29 -26.08
C ILE A 701 -15.95 1.14 -25.77
N THR A 702 -15.63 0.87 -24.51
CA THR A 702 -14.27 0.51 -24.03
C THR A 702 -14.23 -0.98 -23.72
N PHE A 703 -13.39 -1.73 -24.45
CA PHE A 703 -13.22 -3.19 -24.27
C PHE A 703 -11.85 -3.64 -24.82
N ALA A 704 -11.41 -4.80 -24.35
CA ALA A 704 -10.23 -5.55 -24.82
C ALA A 704 -10.73 -6.91 -25.32
N LEU A 705 -10.10 -7.48 -26.35
CA LEU A 705 -10.49 -8.79 -26.93
C LEU A 705 -9.25 -9.56 -27.39
N ASP A 706 -9.24 -10.88 -27.12
CA ASP A 706 -8.23 -11.83 -27.61
C ASP A 706 -8.86 -12.62 -28.76
N ILE A 707 -8.25 -12.57 -29.95
CA ILE A 707 -8.81 -13.21 -31.19
C ILE A 707 -7.82 -14.27 -31.73
N SER A 708 -6.84 -14.70 -30.90
CA SER A 708 -5.76 -15.63 -31.29
C SER A 708 -6.30 -17.05 -31.49
N ASP A 709 -7.35 -17.44 -30.75
CA ASP A 709 -8.10 -18.70 -30.94
C ASP A 709 -9.34 -18.41 -31.79
N GLU A 710 -9.52 -19.15 -32.89
CA GLU A 710 -10.57 -18.89 -33.92
C GLU A 710 -11.85 -19.65 -33.57
N THR A 711 -11.83 -20.48 -32.52
CA THR A 711 -13.01 -21.21 -31.96
C THR A 711 -13.69 -20.35 -30.88
N GLN A 712 -12.94 -19.43 -30.27
CA GLN A 712 -13.41 -18.57 -29.15
C GLN A 712 -12.62 -17.26 -29.12
N TYR A 713 -13.32 -16.13 -29.28
CA TYR A 713 -12.86 -14.77 -28.91
C TYR A 713 -13.27 -14.52 -27.45
N LYS A 714 -12.31 -14.09 -26.61
CA LYS A 714 -12.51 -13.86 -25.16
C LYS A 714 -11.80 -12.57 -24.76
N GLY A 715 -12.45 -11.76 -23.92
CA GLY A 715 -11.89 -10.52 -23.35
C GLY A 715 -12.78 -10.00 -22.25
N THR A 716 -12.89 -8.67 -22.14
CA THR A 716 -13.74 -7.97 -21.14
C THR A 716 -14.26 -6.68 -21.78
N ILE A 717 -15.37 -6.15 -21.26
CA ILE A 717 -15.99 -4.85 -21.64
C ILE A 717 -16.10 -4.02 -20.37
N ALA A 718 -15.51 -2.83 -20.33
CA ALA A 718 -15.52 -1.94 -19.14
C ALA A 718 -16.96 -1.47 -18.88
N ALA A 719 -17.23 -1.01 -17.64
CA ALA A 719 -18.57 -0.59 -17.14
C ALA A 719 -19.32 0.21 -18.21
N LEU A 720 -20.64 0.09 -18.29
CA LEU A 720 -21.46 0.77 -19.33
C LEU A 720 -22.58 1.60 -18.68
N ASN A 721 -22.89 2.76 -19.28
CA ASN A 721 -23.92 3.74 -18.82
C ASN A 721 -25.26 3.46 -19.50
N GLU A 722 -25.24 2.77 -20.65
CA GLU A 722 -26.40 2.63 -21.58
C GLU A 722 -26.12 1.52 -22.59
N THR A 723 -27.18 0.91 -23.13
CA THR A 723 -27.10 -0.22 -24.09
C THR A 723 -26.31 0.19 -25.34
N VAL A 724 -25.31 -0.62 -25.69
CA VAL A 724 -24.46 -0.47 -26.92
C VAL A 724 -24.74 -1.66 -27.83
N GLU A 725 -24.74 -1.45 -29.15
CA GLU A 725 -24.79 -2.55 -30.15
C GLU A 725 -23.39 -2.78 -30.70
N LEU A 726 -22.60 -3.61 -30.04
CA LEU A 726 -21.27 -4.06 -30.51
C LEU A 726 -21.44 -5.04 -31.67
N ARG A 727 -20.57 -4.96 -32.68
CA ARG A 727 -20.51 -5.89 -33.85
C ARG A 727 -19.05 -6.26 -34.08
N VAL A 728 -18.67 -7.49 -33.72
CA VAL A 728 -17.29 -8.01 -33.86
C VAL A 728 -17.23 -8.90 -35.11
N LYS A 729 -16.12 -8.83 -35.86
CA LYS A 729 -15.95 -9.61 -37.10
C LYS A 729 -15.51 -11.03 -36.73
N ASN A 730 -16.21 -12.03 -37.27
CA ASN A 730 -15.92 -13.47 -37.11
C ASN A 730 -14.70 -13.82 -37.96
N PRO A 731 -13.92 -14.87 -37.59
CA PRO A 731 -12.96 -15.45 -38.53
C PRO A 731 -13.74 -15.89 -39.78
N VAL A 732 -13.09 -15.86 -40.95
CA VAL A 732 -13.81 -15.93 -42.27
C VAL A 732 -14.50 -17.28 -42.43
N GLY A 733 -15.82 -17.25 -42.71
CA GLY A 733 -16.68 -18.41 -43.00
C GLY A 733 -16.87 -19.31 -41.79
N VAL A 734 -17.12 -18.73 -40.62
CA VAL A 734 -17.28 -19.48 -39.32
C VAL A 734 -18.51 -18.94 -38.61
N PRO A 735 -19.44 -19.81 -38.16
CA PRO A 735 -20.67 -19.37 -37.49
C PRO A 735 -20.50 -19.17 -35.98
N THR A 736 -21.23 -18.21 -35.42
CA THR A 736 -21.30 -17.95 -33.96
C THR A 736 -22.28 -18.95 -33.34
N GLU A 737 -21.87 -19.65 -32.27
CA GLU A 737 -22.70 -20.69 -31.58
C GLU A 737 -23.37 -20.09 -30.34
N SER A 738 -22.60 -19.37 -29.50
CA SER A 738 -23.10 -18.70 -28.27
C SER A 738 -22.27 -17.44 -27.99
N VAL A 739 -22.88 -16.47 -27.27
CA VAL A 739 -22.16 -15.34 -26.64
C VAL A 739 -22.52 -15.30 -25.16
N VAL A 740 -21.48 -15.25 -24.31
CA VAL A 740 -21.55 -15.32 -22.82
C VAL A 740 -20.90 -14.05 -22.25
N VAL A 741 -21.66 -13.24 -21.53
CA VAL A 741 -21.18 -12.03 -20.80
C VAL A 741 -21.59 -12.18 -19.34
N ASN A 742 -20.61 -12.35 -18.43
CA ASN A 742 -20.83 -12.57 -16.98
C ASN A 742 -21.45 -13.97 -16.76
N GLY A 743 -20.94 -14.98 -17.45
CA GLY A 743 -21.37 -16.39 -17.33
C GLY A 743 -22.85 -16.62 -17.66
N GLU A 744 -23.53 -15.67 -18.31
CA GLU A 744 -24.92 -15.80 -18.84
C GLU A 744 -24.89 -15.64 -20.36
N ASN A 745 -25.71 -16.42 -21.08
CA ASN A 745 -25.96 -16.23 -22.54
C ASN A 745 -26.57 -14.84 -22.76
N ILE A 746 -26.28 -14.22 -23.90
CA ILE A 746 -26.99 -12.99 -24.39
C ILE A 746 -27.30 -13.17 -25.87
N GLU A 747 -28.33 -12.46 -26.34
CA GLU A 747 -28.94 -12.67 -27.67
C GLU A 747 -27.97 -12.15 -28.73
N PHE A 748 -27.70 -12.93 -29.77
CA PHE A 748 -26.74 -12.59 -30.85
C PHE A 748 -27.35 -12.94 -32.21
N SER A 749 -27.10 -12.11 -33.23
CA SER A 749 -27.32 -12.45 -34.66
C SER A 749 -25.99 -12.35 -35.40
N VAL A 750 -25.94 -12.86 -36.63
CA VAL A 750 -24.75 -12.81 -37.53
C VAL A 750 -25.21 -12.13 -38.83
N GLU A 751 -24.67 -10.94 -39.13
CA GLU A 751 -24.99 -10.14 -40.34
C GLU A 751 -23.68 -9.76 -41.04
N ASP A 752 -23.45 -10.30 -42.23
CA ASP A 752 -22.31 -9.98 -43.14
C ASP A 752 -20.99 -10.37 -42.46
N GLY A 753 -20.96 -11.48 -41.72
CA GLY A 753 -19.73 -12.06 -41.13
C GLY A 753 -19.38 -11.47 -39.78
N TYR A 754 -20.35 -10.84 -39.11
CA TYR A 754 -20.21 -10.07 -37.84
C TYR A 754 -21.21 -10.57 -36.79
N THR A 755 -20.71 -11.04 -35.64
CA THR A 755 -21.49 -11.29 -34.40
C THR A 755 -22.05 -9.96 -33.88
N VAL A 756 -23.35 -9.88 -33.62
CA VAL A 756 -24.07 -8.60 -33.31
C VAL A 756 -24.82 -8.75 -31.98
N ILE A 757 -24.43 -7.99 -30.97
CA ILE A 757 -25.01 -8.14 -29.60
C ILE A 757 -25.38 -6.78 -29.03
N GLN A 758 -26.55 -6.67 -28.41
CA GLN A 758 -26.88 -5.60 -27.45
C GLN A 758 -26.18 -5.95 -26.13
N VAL A 759 -25.36 -5.05 -25.58
CA VAL A 759 -24.72 -5.20 -24.25
C VAL A 759 -25.12 -3.98 -23.42
N ALA A 760 -25.75 -4.21 -22.26
CA ALA A 760 -26.29 -3.14 -21.37
C ALA A 760 -25.51 -3.10 -20.07
N GLU A 761 -24.62 -4.05 -19.85
CA GLU A 761 -23.69 -4.07 -18.68
C GLU A 761 -22.39 -4.71 -19.15
N GLY A 762 -21.27 -4.28 -18.55
CA GLY A 762 -19.91 -4.76 -18.89
C GLY A 762 -19.56 -6.00 -18.10
N GLY A 763 -18.46 -6.65 -18.47
CA GLY A 763 -17.93 -7.86 -17.81
C GLY A 763 -17.14 -8.68 -18.80
N ASP A 764 -16.68 -9.86 -18.38
CA ASP A 764 -15.93 -10.80 -19.24
C ASP A 764 -16.85 -11.34 -20.34
N ILE A 765 -16.39 -11.30 -21.60
CA ILE A 765 -17.16 -11.78 -22.78
C ILE A 765 -16.41 -12.95 -23.42
N ASN A 766 -17.16 -14.00 -23.78
CA ASN A 766 -16.73 -15.12 -24.65
C ASN A 766 -17.66 -15.15 -25.86
N ILE A 767 -17.11 -15.01 -27.07
CA ILE A 767 -17.83 -15.24 -28.36
C ILE A 767 -17.39 -16.61 -28.87
N ASN A 768 -18.31 -17.60 -28.84
CA ASN A 768 -18.04 -19.03 -29.06
C ASN A 768 -18.44 -19.40 -30.49
N PHE A 769 -17.50 -19.92 -31.27
CA PHE A 769 -17.60 -20.16 -32.73
C PHE A 769 -17.61 -21.67 -33.05
N GLY A 770 -18.39 -22.08 -34.05
CA GLY A 770 -18.39 -23.44 -34.62
C GLY A 770 -17.36 -23.58 -35.73
N GLU A 771 -17.64 -24.41 -36.75
CA GLU A 771 -16.73 -24.63 -37.90
C GLU A 771 -17.55 -24.67 -39.20
C1 BEM B . 0.23 20.86 13.99
C2 BEM B . 1.66 21.24 13.75
O2 BEM B . 2.13 22.06 14.81
C3 BEM B . 2.57 20.04 13.58
O3 BEM B . 3.91 20.46 13.84
C4 BEM B . 2.22 18.88 14.52
O4 BEM B . 2.41 17.68 13.76
C5 BEM B . 0.75 18.80 14.93
O5 BEM B . 0.21 20.09 15.19
C6 BEM B . 0.57 17.85 16.10
O6B BEM B . 1.40 17.80 16.96
O6A BEM B . -0.39 17.11 16.15
O1 BEM B . -0.59 21.97 14.10
C1 BEM B . 3.32 16.74 14.25
C2 BEM B . 3.17 15.48 13.40
O2 BEM B . 3.19 15.83 12.02
C3 BEM B . 4.28 14.51 13.68
O3 BEM B . 4.15 13.44 12.74
C4 BEM B . 5.62 15.21 13.57
O4 BEM B . 6.78 14.47 13.98
C5 BEM B . 5.63 16.40 14.53
O5 BEM B . 4.61 17.31 14.14
C6 BEM B . 6.99 17.09 14.55
O6B BEM B . 7.28 17.88 13.68
O6A BEM B . 7.78 16.83 15.44
C1 BEM B . 7.00 13.18 13.49
C2 BEM B . 8.18 12.70 14.30
O2 BEM B . 7.88 12.86 15.68
C3 BEM B . 8.46 11.26 13.99
O3 BEM B . 9.55 10.85 14.80
C4 BEM B . 7.21 10.41 14.25
O4 BEM B . 7.44 9.06 13.76
C5 BEM B . 6.03 10.98 13.46
O5 BEM B . 5.87 12.38 13.75
C6 BEM B . 4.68 10.33 13.74
O6B BEM B . 3.75 10.53 13.00
O6A BEM B . 4.54 9.63 14.71
C1 BEM B . 8.38 8.18 14.33
C2 BEM B . 8.67 7.10 13.30
O2 BEM B . 9.21 7.69 12.12
C3 BEM B . 9.63 6.08 13.88
O3 BEM B . 9.96 5.09 12.91
C4 BEM B . 10.89 6.80 14.34
O4 BEM B . 11.72 5.92 15.10
C5 BEM B . 10.54 7.94 15.30
O5 BEM B . 9.60 8.82 14.68
C6 BEM B . 11.87 8.59 15.62
O6B BEM B . 12.50 9.13 14.75
O6A BEM B . 12.31 8.50 16.74
C1 BEM B . 12.86 5.37 14.50
C2 BEM B . 14.10 5.92 15.20
O2 BEM B . 14.00 5.74 16.62
C3 BEM B . 15.34 5.22 14.67
O3 BEM B . 16.48 5.63 15.44
C4 BEM B . 15.20 3.71 14.74
O4 BEM B . 16.31 3.11 14.07
C5 BEM B . 13.89 3.27 14.06
O5 BEM B . 12.79 3.97 14.63
C6 BEM B . 13.56 1.79 14.25
O6B BEM B . 13.73 1.02 13.34
O6A BEM B . 13.08 1.43 15.30
MN MN C . 7.25 10.40 -2.19
CA CA D . -0.31 11.68 -1.77
CA CA E . -4.64 -9.36 -15.68
MG MG F . 4.06 15.37 20.49
#